data_7ULC
#
_entry.id   7ULC
#
_cell.length_a   106.254
_cell.length_b   106.254
_cell.length_c   157.927
_cell.angle_alpha   90.000
_cell.angle_beta   90.000
_cell.angle_gamma   90.000
#
_symmetry.space_group_name_H-M   'P 41 21 2'
#
loop_
_entity.id
_entity.type
_entity.pdbx_description
1 polymer 'Queuosine salvage protein DUF2419'
2 non-polymer 2-amino-5-({[(1S,4S,5R)-4,5-dihydroxycyclopent-2-en-1-yl]amino}methyl)-7-(5-O-phosphono-beta-D-ribofuranosyl)-3,7-dihydro-4H-pyrrolo[2,3-d]pyrimidin-4-one
3 non-polymer DI(HYDROXYETHYL)ETHER
4 water water
#
_entity_poly.entity_id   1
_entity_poly.type   'polypeptide(L)'
_entity_poly.pdbx_seq_one_letter_code
;MADPGDRLGVLTTTRRVVEQAQAVWIDHDAVAQIAEAFAARQVTPPTWNRELHWSDGREALANYILVLDAVNFCFWGEPR
WRIEYAGAVYDGYWALAASLKRALEQGVPLTDASYLAEITRDDVATIFAGEGEIPLLDERARILRETGSVLAERFAGRFS
DAIAAAGRSAVALVDIVTNAFPSFRDVATYRGEQVRFYKRAQILVSDLYGAFDGSDLGAFDDLGELTAFANYKVPQVLHH
LGILRYAPALHDRLARREEIPAGSPEEVEIRAATIWGVEELRRALASRGHALDAYQVDWLLWDEGQRLPAGTLPYHRTRT
IFYLEHHHHHH
;
_entity_poly.pdbx_strand_id   A,B
#
loop_
_chem_comp.id
_chem_comp.type
_chem_comp.name
_chem_comp.formula
56B RNA linking 2-amino-5-({[(1S,4S,5R)-4,5-dihydroxycyclopent-2-en-1-yl]amino}methyl)-7-(5-O-phosphono-beta-D-ribofuranosyl)-3,7-dihydro-4H-pyrrolo[2,3-d]pyrimidin-4-one 'C17 H24 N5 O10 P'
PEG non-polymer DI(HYDROXYETHYL)ETHER 'C4 H10 O3'
#
# COMPACT_ATOMS: atom_id res chain seq x y z
N ASP A 6 -0.94 -8.35 -13.30
CA ASP A 6 -2.06 -7.68 -12.55
C ASP A 6 -1.45 -6.58 -11.67
N ARG A 7 -1.04 -5.50 -12.35
CA ARG A 7 -0.13 -4.54 -11.78
C ARG A 7 -0.83 -3.66 -10.73
N LEU A 8 -2.16 -3.63 -10.66
CA LEU A 8 -2.86 -2.85 -9.58
C LEU A 8 -3.31 -3.77 -8.44
N GLY A 9 -3.35 -5.09 -8.67
CA GLY A 9 -3.71 -6.08 -7.65
C GLY A 9 -5.21 -6.24 -7.43
N VAL A 10 -6.02 -5.74 -8.37
CA VAL A 10 -7.47 -5.87 -8.25
C VAL A 10 -7.88 -7.34 -8.40
N LEU A 11 -7.46 -8.00 -9.48
CA LEU A 11 -7.91 -9.39 -9.73
C LEU A 11 -7.42 -10.33 -8.62
N THR A 12 -6.14 -10.19 -8.26
CA THR A 12 -5.49 -11.02 -7.25
C THR A 12 -6.18 -10.89 -5.90
N THR A 13 -6.39 -9.66 -5.42
CA THR A 13 -6.93 -9.47 -4.07
C THR A 13 -8.43 -9.83 -4.06
N THR A 14 -9.16 -9.51 -5.13
CA THR A 14 -10.58 -9.84 -5.16
C THR A 14 -10.78 -11.35 -5.25
N ARG A 15 -9.82 -12.08 -5.84
CA ARG A 15 -9.95 -13.53 -5.99
C ARG A 15 -9.94 -14.19 -4.60
N ARG A 16 -9.16 -13.64 -3.66
CA ARG A 16 -9.11 -14.17 -2.30
C ARG A 16 -10.49 -14.05 -1.64
N VAL A 17 -11.21 -12.97 -1.96
CA VAL A 17 -12.53 -12.75 -1.39
C VAL A 17 -13.50 -13.79 -1.98
N VAL A 18 -13.49 -13.94 -3.30
CA VAL A 18 -14.44 -14.84 -3.97
C VAL A 18 -14.23 -16.28 -3.46
N GLU A 19 -12.98 -16.72 -3.34
CA GLU A 19 -12.67 -18.07 -2.84
C GLU A 19 -13.26 -18.29 -1.43
N GLN A 20 -13.29 -17.26 -0.58
CA GLN A 20 -13.71 -17.41 0.82
C GLN A 20 -15.16 -16.94 1.05
N ALA A 21 -15.86 -16.41 0.02
CA ALA A 21 -17.10 -15.63 0.25
C ALA A 21 -18.22 -16.54 0.75
N GLN A 22 -18.94 -16.04 1.78
CA GLN A 22 -20.02 -16.76 2.44
C GLN A 22 -21.39 -16.34 1.87
N ALA A 23 -21.57 -15.07 1.49
CA ALA A 23 -22.93 -14.56 1.18
C ALA A 23 -23.17 -14.50 -0.34
N VAL A 24 -22.12 -14.64 -1.13
CA VAL A 24 -22.18 -14.45 -2.58
C VAL A 24 -21.34 -15.55 -3.22
N TRP A 25 -21.80 -16.07 -4.35
N TRP A 25 -21.83 -16.11 -4.32
CA TRP A 25 -20.98 -16.96 -5.15
CA TRP A 25 -21.07 -17.08 -5.12
C TRP A 25 -21.41 -16.91 -6.61
C TRP A 25 -21.43 -16.95 -6.62
N ILE A 26 -20.50 -17.38 -7.47
CA ILE A 26 -20.67 -17.41 -8.90
C ILE A 26 -21.20 -18.79 -9.29
N ASP A 27 -22.22 -18.79 -10.16
CA ASP A 27 -22.74 -19.99 -10.79
C ASP A 27 -22.06 -20.11 -12.16
N HIS A 28 -21.06 -20.99 -12.24
CA HIS A 28 -20.21 -21.10 -13.41
C HIS A 28 -20.97 -21.72 -14.59
N ASP A 29 -22.03 -22.48 -14.27
CA ASP A 29 -22.93 -23.02 -15.30
C ASP A 29 -23.67 -21.88 -16.00
N ALA A 30 -24.23 -20.95 -15.21
CA ALA A 30 -24.89 -19.78 -15.77
C ALA A 30 -23.90 -18.96 -16.62
N VAL A 31 -22.65 -18.83 -16.16
CA VAL A 31 -21.63 -18.10 -16.92
C VAL A 31 -21.55 -18.71 -18.33
N ALA A 32 -21.36 -20.04 -18.40
CA ALA A 32 -21.26 -20.78 -19.68
C ALA A 32 -22.47 -20.51 -20.57
N GLN A 33 -23.67 -20.64 -20.00
CA GLN A 33 -24.92 -20.49 -20.74
C GLN A 33 -25.04 -19.07 -21.29
N ILE A 34 -24.76 -18.06 -20.45
CA ILE A 34 -24.83 -16.66 -20.86
C ILE A 34 -23.77 -16.39 -21.95
N ALA A 35 -22.56 -16.92 -21.77
CA ALA A 35 -21.46 -16.77 -22.76
C ALA A 35 -21.89 -17.36 -24.11
N GLU A 36 -22.57 -18.50 -24.09
CA GLU A 36 -23.06 -19.18 -25.31
C GLU A 36 -23.94 -18.22 -26.10
N ALA A 37 -24.94 -17.63 -25.43
CA ALA A 37 -25.93 -16.76 -26.08
C ALA A 37 -25.30 -15.44 -26.53
N PHE A 38 -24.44 -14.84 -25.69
CA PHE A 38 -23.82 -13.54 -26.02
C PHE A 38 -22.85 -13.71 -27.19
N ALA A 39 -22.05 -14.79 -27.18
CA ALA A 39 -21.07 -15.08 -28.23
C ALA A 39 -21.80 -15.37 -29.55
N ALA A 40 -22.89 -16.14 -29.48
CA ALA A 40 -23.69 -16.49 -30.63
C ALA A 40 -24.09 -15.22 -31.40
N ARG A 41 -24.55 -14.19 -30.69
CA ARG A 41 -25.00 -12.96 -31.37
C ARG A 41 -23.97 -11.83 -31.23
N GLN A 42 -22.73 -12.18 -30.86
CA GLN A 42 -21.56 -11.28 -30.93
C GLN A 42 -21.89 -9.92 -30.28
N VAL A 43 -22.43 -9.95 -29.05
CA VAL A 43 -22.86 -8.74 -28.36
C VAL A 43 -21.67 -7.81 -28.14
N THR A 44 -21.95 -6.52 -28.31
CA THR A 44 -20.98 -5.45 -28.30
C THR A 44 -21.50 -4.37 -27.36
N PRO A 45 -20.63 -3.71 -26.56
CA PRO A 45 -21.07 -2.59 -25.74
C PRO A 45 -21.47 -1.45 -26.65
N PRO A 46 -22.43 -0.58 -26.25
CA PRO A 46 -22.76 0.58 -27.06
C PRO A 46 -21.53 1.49 -27.16
N THR A 47 -21.53 2.32 -28.19
CA THR A 47 -20.46 3.26 -28.39
C THR A 47 -20.60 4.35 -27.33
N TRP A 48 -19.47 4.98 -27.00
CA TRP A 48 -19.43 5.94 -25.93
C TRP A 48 -20.39 7.10 -26.30
N ASN A 49 -21.23 7.49 -25.35
CA ASN A 49 -22.39 8.36 -25.61
C ASN A 49 -21.93 9.80 -25.87
N ARG A 50 -22.33 10.34 -27.03
CA ARG A 50 -21.92 11.69 -27.47
C ARG A 50 -23.02 12.71 -27.16
N GLU A 51 -24.24 12.24 -26.84
CA GLU A 51 -25.39 13.12 -26.65
C GLU A 51 -25.31 13.77 -25.26
N LEU A 52 -25.04 12.97 -24.23
CA LEU A 52 -25.13 13.43 -22.82
C LEU A 52 -23.73 13.72 -22.24
N HIS A 53 -22.66 13.42 -22.98
CA HIS A 53 -21.31 13.78 -22.56
C HIS A 53 -20.86 15.08 -23.24
N TRP A 54 -20.17 15.93 -22.48
CA TRP A 54 -19.59 17.18 -22.94
C TRP A 54 -18.47 16.91 -23.96
N SER A 55 -18.29 17.87 -24.87
CA SER A 55 -17.20 17.83 -25.84
C SER A 55 -16.57 19.23 -25.94
N ASP A 56 -15.27 19.27 -26.19
CA ASP A 56 -14.47 20.51 -26.09
C ASP A 56 -13.05 20.24 -26.62
N GLY A 57 -12.20 21.27 -26.58
CA GLY A 57 -10.74 21.13 -26.80
C GLY A 57 -10.12 20.15 -25.81
N ARG A 58 -8.89 19.70 -26.08
CA ARG A 58 -8.31 18.53 -25.41
C ARG A 58 -8.08 18.81 -23.91
N GLU A 59 -7.68 20.03 -23.55
CA GLU A 59 -7.33 20.36 -22.16
C GLU A 59 -8.59 20.37 -21.30
N ALA A 60 -9.64 21.04 -21.79
CA ALA A 60 -10.92 21.14 -21.10
C ALA A 60 -11.62 19.79 -21.02
N LEU A 61 -11.47 18.97 -22.07
CA LEU A 61 -12.15 17.68 -22.15
C LEU A 61 -11.55 16.71 -21.12
N ALA A 62 -10.22 16.67 -21.05
CA ALA A 62 -9.49 15.88 -20.05
C ALA A 62 -9.94 16.24 -18.63
N ASN A 63 -10.03 17.55 -18.34
CA ASN A 63 -10.43 18.04 -17.02
C ASN A 63 -11.89 17.66 -16.74
N TYR A 64 -12.73 17.75 -17.79
CA TYR A 64 -14.14 17.37 -17.69
C TYR A 64 -14.28 15.89 -17.29
N ILE A 65 -13.45 15.01 -17.87
CA ILE A 65 -13.59 13.57 -17.63
C ILE A 65 -13.22 13.27 -16.17
N LEU A 66 -12.21 13.97 -15.65
CA LEU A 66 -11.76 13.80 -14.28
C LEU A 66 -12.88 14.21 -13.32
N VAL A 67 -13.57 15.32 -13.64
CA VAL A 67 -14.64 15.85 -12.77
C VAL A 67 -15.84 14.90 -12.82
N LEU A 68 -16.20 14.44 -14.02
CA LEU A 68 -17.31 13.53 -14.22
C LEU A 68 -17.14 12.31 -13.31
N ASP A 69 -15.95 11.69 -13.39
CA ASP A 69 -15.71 10.45 -12.68
C ASP A 69 -15.33 10.71 -11.22
N ALA A 70 -14.94 11.94 -10.86
CA ALA A 70 -14.69 12.25 -9.44
C ALA A 70 -15.99 12.13 -8.62
N VAL A 71 -17.14 12.43 -9.25
CA VAL A 71 -18.43 12.45 -8.55
C VAL A 71 -19.36 11.37 -9.11
N ASN A 72 -18.80 10.32 -9.73
CA ASN A 72 -19.59 9.26 -10.36
C ASN A 72 -19.83 8.13 -9.35
N PHE A 73 -20.83 8.35 -8.48
CA PHE A 73 -21.20 7.39 -7.43
C PHE A 73 -22.59 7.73 -6.87
N CYS A 74 -23.25 6.69 -6.36
CA CYS A 74 -24.41 6.69 -5.42
C CYS A 74 -25.54 7.67 -5.83
N PHE A 75 -26.46 7.20 -6.66
CA PHE A 75 -27.53 8.05 -7.18
C PHE A 75 -28.91 7.64 -6.64
N TRP A 76 -28.97 6.56 -5.87
CA TRP A 76 -30.24 6.04 -5.35
C TRP A 76 -30.67 6.82 -4.09
N GLY A 77 -31.93 6.63 -3.71
CA GLY A 77 -32.55 7.34 -2.59
C GLY A 77 -33.95 7.79 -2.96
N GLU A 78 -34.78 8.00 -1.93
CA GLU A 78 -36.16 8.48 -2.07
C GLU A 78 -36.29 9.81 -1.33
N PRO A 79 -36.96 10.81 -1.92
CA PRO A 79 -37.53 10.75 -3.27
C PRO A 79 -36.45 10.75 -4.35
N ARG A 80 -36.66 9.92 -5.39
CA ARG A 80 -35.68 9.70 -6.45
C ARG A 80 -35.19 11.06 -6.97
N TRP A 81 -33.87 11.19 -7.14
CA TRP A 81 -33.26 12.36 -7.73
C TRP A 81 -33.37 12.26 -9.25
N ARG A 82 -34.00 13.28 -9.86
CA ARG A 82 -34.18 13.36 -11.30
C ARG A 82 -33.84 14.77 -11.80
N ILE A 83 -33.38 14.83 -13.05
CA ILE A 83 -32.96 16.05 -13.72
C ILE A 83 -33.72 16.18 -15.04
N GLU A 84 -34.15 17.42 -15.34
CA GLU A 84 -34.73 17.81 -16.62
C GLU A 84 -33.63 18.50 -17.43
N TYR A 85 -33.36 17.98 -18.64
CA TYR A 85 -32.37 18.57 -19.56
C TYR A 85 -32.79 18.34 -21.01
N ALA A 86 -32.92 19.44 -21.75
CA ALA A 86 -33.12 19.41 -23.18
C ALA A 86 -34.33 18.55 -23.52
N GLY A 87 -35.41 18.71 -22.74
CA GLY A 87 -36.72 18.13 -23.02
C GLY A 87 -36.80 16.65 -22.66
N ALA A 88 -35.97 16.20 -21.73
CA ALA A 88 -36.04 14.84 -21.22
C ALA A 88 -35.67 14.83 -19.74
N VAL A 89 -36.21 13.84 -19.02
CA VAL A 89 -35.96 13.64 -17.60
C VAL A 89 -35.01 12.45 -17.46
N TYR A 90 -34.00 12.62 -16.60
CA TYR A 90 -32.96 11.62 -16.40
C TYR A 90 -32.82 11.36 -14.90
N ASP A 91 -32.34 10.14 -14.57
CA ASP A 91 -31.95 9.77 -13.21
C ASP A 91 -30.65 8.96 -13.28
N GLY A 92 -30.07 8.66 -12.11
CA GLY A 92 -28.83 7.93 -12.03
C GLY A 92 -27.71 8.66 -12.75
N TYR A 93 -26.83 7.88 -13.40
CA TYR A 93 -25.63 8.41 -14.06
C TYR A 93 -25.99 9.46 -15.10
N TRP A 94 -27.02 9.20 -15.93
CA TRP A 94 -27.36 10.13 -17.01
C TRP A 94 -27.80 11.48 -16.44
N ALA A 95 -28.37 11.47 -15.23
CA ALA A 95 -28.71 12.70 -14.52
C ALA A 95 -27.43 13.44 -14.15
N LEU A 96 -26.40 12.69 -13.71
CA LEU A 96 -25.10 13.27 -13.43
C LEU A 96 -24.56 13.93 -14.71
N ALA A 97 -24.45 13.14 -15.79
CA ALA A 97 -23.90 13.58 -17.09
C ALA A 97 -24.65 14.81 -17.59
N ALA A 98 -25.98 14.72 -17.65
CA ALA A 98 -26.82 15.82 -18.14
C ALA A 98 -26.57 17.07 -17.29
N SER A 99 -26.50 16.91 -15.96
CA SER A 99 -26.34 18.03 -15.03
C SER A 99 -25.06 18.82 -15.34
N LEU A 100 -23.96 18.09 -15.59
CA LEU A 100 -22.66 18.69 -15.88
C LEU A 100 -22.69 19.37 -17.25
N LYS A 101 -23.27 18.70 -18.25
CA LYS A 101 -23.39 19.24 -19.60
C LYS A 101 -24.18 20.55 -19.55
N ARG A 102 -25.33 20.54 -18.85
CA ARG A 102 -26.20 21.70 -18.64
C ARG A 102 -25.42 22.86 -18.01
N ALA A 103 -24.63 22.58 -16.97
CA ALA A 103 -23.86 23.60 -16.26
C ALA A 103 -22.82 24.23 -17.20
N LEU A 104 -22.12 23.38 -17.96
CA LEU A 104 -21.05 23.83 -18.84
C LEU A 104 -21.60 24.65 -20.01
N GLU A 105 -22.78 24.25 -20.53
CA GLU A 105 -23.44 24.96 -21.63
C GLU A 105 -23.79 26.38 -21.19
N GLN A 106 -24.30 26.51 -19.96
CA GLN A 106 -24.67 27.80 -19.37
C GLN A 106 -23.41 28.54 -18.88
N GLY A 107 -22.24 27.94 -19.10
CA GLY A 107 -20.96 28.61 -18.98
C GLY A 107 -20.41 28.58 -17.57
N VAL A 108 -20.81 27.59 -16.77
CA VAL A 108 -20.19 27.34 -15.45
C VAL A 108 -18.80 26.75 -15.72
N PRO A 109 -17.69 27.35 -15.23
CA PRO A 109 -16.35 26.87 -15.56
C PRO A 109 -15.92 25.61 -14.78
N LEU A 110 -16.58 24.49 -15.04
CA LEU A 110 -16.37 23.22 -14.29
C LEU A 110 -15.08 22.52 -14.71
N THR A 111 -14.43 23.00 -15.78
CA THR A 111 -13.18 22.45 -16.25
C THR A 111 -11.99 23.28 -15.73
N ASP A 112 -12.28 24.36 -15.01
CA ASP A 112 -11.26 25.27 -14.49
C ASP A 112 -10.94 24.91 -13.02
N ALA A 113 -9.67 24.56 -12.77
CA ALA A 113 -9.19 24.11 -11.46
C ALA A 113 -9.51 25.14 -10.37
N SER A 114 -9.31 26.44 -10.67
CA SER A 114 -9.49 27.53 -9.70
C SER A 114 -10.95 27.59 -9.21
N TYR A 115 -11.88 27.34 -10.13
CA TYR A 115 -13.30 27.34 -9.81
C TYR A 115 -13.63 26.12 -8.94
N LEU A 116 -13.12 24.94 -9.35
CA LEU A 116 -13.39 23.69 -8.64
C LEU A 116 -12.86 23.77 -7.20
N ALA A 117 -11.65 24.32 -7.02
CA ALA A 117 -10.99 24.40 -5.71
C ALA A 117 -11.88 25.15 -4.69
N GLU A 118 -12.71 26.07 -5.19
CA GLU A 118 -13.52 26.99 -4.37
C GLU A 118 -15.01 26.67 -4.42
N ILE A 119 -15.44 25.73 -5.28
CA ILE A 119 -16.87 25.50 -5.51
C ILE A 119 -17.57 25.28 -4.17
N THR A 120 -18.77 25.86 -4.03
CA THR A 120 -19.53 25.86 -2.78
C THR A 120 -20.67 24.84 -2.88
N ARG A 121 -21.30 24.62 -1.72
CA ARG A 121 -22.44 23.72 -1.55
C ARG A 121 -23.62 24.19 -2.42
N ASP A 122 -23.82 25.52 -2.46
CA ASP A 122 -24.92 26.15 -3.20
C ASP A 122 -24.69 26.03 -4.71
N ASP A 123 -23.43 26.17 -5.14
CA ASP A 123 -23.02 25.94 -6.52
C ASP A 123 -23.47 24.54 -6.98
N VAL A 124 -23.11 23.50 -6.20
CA VAL A 124 -23.37 22.12 -6.64
C VAL A 124 -24.87 21.82 -6.51
N ALA A 125 -25.54 22.38 -5.49
CA ALA A 125 -27.00 22.26 -5.33
C ALA A 125 -27.73 22.78 -6.57
N THR A 126 -27.20 23.88 -7.14
CA THR A 126 -27.75 24.50 -8.35
C THR A 126 -27.47 23.59 -9.56
N ILE A 127 -26.20 23.21 -9.72
CA ILE A 127 -25.73 22.38 -10.85
C ILE A 127 -26.61 21.11 -10.94
N PHE A 128 -26.94 20.51 -9.79
CA PHE A 128 -27.71 19.26 -9.74
C PHE A 128 -29.17 19.48 -9.28
N ALA A 129 -29.71 20.70 -9.47
CA ALA A 129 -31.09 20.99 -9.10
C ALA A 129 -32.05 20.18 -9.99
N GLY A 130 -33.09 19.64 -9.38
CA GLY A 130 -34.11 18.84 -10.05
C GLY A 130 -35.17 18.38 -9.05
N GLU A 131 -35.79 17.22 -9.30
CA GLU A 131 -36.65 16.57 -8.33
C GLU A 131 -35.76 15.90 -7.27
N GLY A 132 -36.19 15.99 -6.01
CA GLY A 132 -35.37 15.57 -4.87
C GLY A 132 -34.04 16.31 -4.87
N GLU A 133 -32.99 15.59 -4.44
CA GLU A 133 -31.67 16.15 -4.29
C GLU A 133 -30.67 15.02 -4.54
N ILE A 134 -29.56 15.33 -5.23
CA ILE A 134 -28.51 14.35 -5.46
C ILE A 134 -28.04 13.87 -4.09
N PRO A 135 -27.90 12.54 -3.85
CA PRO A 135 -27.35 12.06 -2.58
C PRO A 135 -25.93 12.57 -2.35
N LEU A 136 -25.56 12.72 -1.08
CA LEU A 136 -24.20 13.01 -0.63
C LEU A 136 -23.72 14.33 -1.25
N LEU A 137 -24.60 15.33 -1.24
CA LEU A 137 -24.36 16.60 -1.90
C LEU A 137 -23.08 17.25 -1.36
N ASP A 138 -22.96 17.32 -0.03
CA ASP A 138 -21.84 17.98 0.65
C ASP A 138 -20.52 17.28 0.31
N GLU A 139 -20.57 15.95 0.21
CA GLU A 139 -19.42 15.12 -0.11
C GLU A 139 -18.93 15.44 -1.54
N ARG A 140 -19.87 15.63 -2.46
CA ARG A 140 -19.56 15.90 -3.86
C ARG A 140 -18.86 17.27 -3.97
N ALA A 141 -19.33 18.25 -3.19
CA ALA A 141 -18.71 19.56 -3.11
C ALA A 141 -17.27 19.44 -2.61
N ARG A 142 -17.07 18.64 -1.56
CA ARG A 142 -15.76 18.44 -0.95
C ARG A 142 -14.81 17.76 -1.95
N ILE A 143 -15.31 16.79 -2.71
CA ILE A 143 -14.49 16.03 -3.66
C ILE A 143 -14.04 16.96 -4.80
N LEU A 144 -14.95 17.84 -5.27
CA LEU A 144 -14.63 18.74 -6.37
C LEU A 144 -13.61 19.80 -5.91
N ARG A 145 -13.70 20.24 -4.66
CA ARG A 145 -12.73 21.18 -4.09
C ARG A 145 -11.36 20.50 -4.03
N GLU A 146 -11.33 19.27 -3.50
CA GLU A 146 -10.11 18.47 -3.42
C GLU A 146 -9.52 18.31 -4.83
N THR A 147 -10.38 17.92 -5.79
CA THR A 147 -9.96 17.65 -7.18
C THR A 147 -9.30 18.90 -7.77
N GLY A 148 -9.95 20.06 -7.59
CA GLY A 148 -9.47 21.32 -8.11
C GLY A 148 -8.10 21.70 -7.57
N SER A 149 -7.93 21.59 -6.25
CA SER A 149 -6.72 22.09 -5.59
C SER A 149 -5.54 21.16 -5.86
N VAL A 150 -5.81 19.86 -6.03
CA VAL A 150 -4.78 18.91 -6.44
C VAL A 150 -4.40 19.17 -7.90
N LEU A 151 -5.39 19.41 -8.77
CA LEU A 151 -5.10 19.74 -10.17
C LEU A 151 -4.16 20.97 -10.23
N ALA A 152 -4.53 22.00 -9.46
CA ALA A 152 -3.84 23.29 -9.49
C ALA A 152 -2.42 23.15 -8.92
N GLU A 153 -2.29 22.42 -7.81
CA GLU A 153 -1.02 22.32 -7.11
C GLU A 153 -0.04 21.44 -7.89
N ARG A 154 -0.49 20.28 -8.38
CA ARG A 154 0.43 19.23 -8.86
C ARG A 154 0.46 19.11 -10.38
N PHE A 155 -0.55 19.65 -11.08
CA PHE A 155 -0.68 19.40 -12.51
C PHE A 155 -0.93 20.70 -13.28
N ALA A 156 -0.47 21.82 -12.72
CA ALA A 156 -0.58 23.13 -13.36
C ALA A 156 -2.01 23.37 -13.88
N GLY A 157 -3.01 22.81 -13.18
CA GLY A 157 -4.43 22.98 -13.53
C GLY A 157 -4.91 22.12 -14.69
N ARG A 158 -4.06 21.21 -15.19
CA ARG A 158 -4.33 20.45 -16.43
C ARG A 158 -4.17 18.94 -16.18
N PHE A 159 -5.28 18.20 -16.24
CA PHE A 159 -5.24 16.74 -16.08
C PHE A 159 -4.40 16.11 -17.20
N SER A 160 -4.29 16.80 -18.33
CA SER A 160 -3.45 16.36 -19.46
C SER A 160 -2.00 16.13 -19.01
N ASP A 161 -1.53 16.90 -18.01
CA ASP A 161 -0.19 16.72 -17.43
C ASP A 161 -0.09 15.33 -16.77
N ALA A 162 -1.12 14.95 -15.99
CA ALA A 162 -1.20 13.62 -15.37
C ALA A 162 -1.21 12.53 -16.46
N ILE A 163 -2.04 12.73 -17.49
CA ILE A 163 -2.24 11.72 -18.52
C ILE A 163 -0.92 11.49 -19.25
N ALA A 164 -0.21 12.57 -19.58
CA ALA A 164 1.05 12.52 -20.31
C ALA A 164 2.10 11.71 -19.52
N ALA A 165 2.10 11.87 -18.19
CA ALA A 165 3.07 11.19 -17.34
C ALA A 165 2.81 9.67 -17.30
N ALA A 166 1.60 9.25 -17.67
CA ALA A 166 1.22 7.82 -17.67
C ALA A 166 1.81 7.09 -18.89
N GLY A 167 2.16 7.84 -19.94
CA GLY A 167 2.85 7.29 -21.13
C GLY A 167 2.07 6.17 -21.81
N ARG A 168 0.76 6.39 -21.96
CA ARG A 168 -0.16 5.48 -22.67
C ARG A 168 -0.39 4.16 -21.91
N SER A 169 -0.12 4.14 -20.60
CA SER A 169 -0.46 3.00 -19.75
C SER A 169 -1.66 3.35 -18.87
N ALA A 170 -2.77 2.63 -19.08
CA ALA A 170 -4.00 2.72 -18.30
C ALA A 170 -3.68 2.50 -16.81
N VAL A 171 -2.91 1.44 -16.55
CA VAL A 171 -2.53 1.00 -15.22
C VAL A 171 -1.69 2.10 -14.53
N ALA A 172 -0.74 2.70 -15.27
CA ALA A 172 0.09 3.77 -14.72
C ALA A 172 -0.76 5.01 -14.39
N LEU A 173 -1.80 5.27 -15.20
CA LEU A 173 -2.63 6.46 -14.96
C LEU A 173 -3.52 6.23 -13.72
N VAL A 174 -4.04 5.01 -13.54
CA VAL A 174 -4.85 4.72 -12.38
C VAL A 174 -4.01 5.00 -11.13
N ASP A 175 -2.77 4.53 -11.14
CA ASP A 175 -1.82 4.65 -10.03
C ASP A 175 -1.44 6.13 -9.81
N ILE A 176 -1.26 6.89 -10.90
CA ILE A 176 -1.02 8.35 -10.78
C ILE A 176 -2.23 9.03 -10.13
N VAL A 177 -3.45 8.61 -10.49
CA VAL A 177 -4.67 9.25 -9.99
C VAL A 177 -4.86 8.96 -8.49
N THR A 178 -4.70 7.69 -8.08
CA THR A 178 -4.94 7.31 -6.67
C THR A 178 -3.84 7.91 -5.78
N ASN A 179 -2.64 8.08 -6.32
CA ASN A 179 -1.53 8.65 -5.55
C ASN A 179 -1.85 10.11 -5.19
N ALA A 180 -2.38 10.87 -6.15
CA ALA A 180 -2.57 12.34 -6.06
C ALA A 180 -3.94 12.74 -5.50
N PHE A 181 -4.99 11.99 -5.83
CA PHE A 181 -6.38 12.38 -5.53
C PHE A 181 -6.97 11.46 -4.46
N PRO A 182 -7.02 11.87 -3.17
CA PRO A 182 -7.50 11.00 -2.10
C PRO A 182 -8.86 10.33 -2.33
N SER A 183 -9.80 11.01 -3.02
CA SER A 183 -11.16 10.53 -3.17
C SER A 183 -11.20 9.27 -4.05
N PHE A 184 -10.15 9.01 -4.83
CA PHE A 184 -10.11 7.90 -5.77
C PHE A 184 -9.52 6.64 -5.12
N ARG A 185 -9.07 6.73 -3.86
CA ARG A 185 -8.42 5.60 -3.14
C ARG A 185 -9.47 4.59 -2.66
N ASP A 186 -9.76 3.59 -3.50
CA ASP A 186 -10.86 2.67 -3.29
C ASP A 186 -10.29 1.27 -2.99
N VAL A 187 -10.05 1.03 -1.70
CA VAL A 187 -9.56 -0.24 -1.18
C VAL A 187 -10.41 -0.57 0.05
N ALA A 188 -10.39 -1.81 0.49
CA ALA A 188 -11.11 -2.22 1.68
C ALA A 188 -10.36 -3.39 2.30
N THR A 189 -10.91 -3.98 3.36
CA THR A 189 -10.33 -5.17 3.96
C THR A 189 -11.39 -6.28 4.03
N TYR A 190 -10.92 -7.52 3.96
CA TYR A 190 -11.76 -8.67 4.04
C TYR A 190 -10.98 -9.72 4.85
N ARG A 191 -11.52 -10.09 6.01
CA ARG A 191 -10.87 -11.00 6.96
C ARG A 191 -9.40 -10.58 7.15
N GLY A 192 -9.14 -9.29 7.33
CA GLY A 192 -7.81 -8.79 7.69
C GLY A 192 -6.88 -8.53 6.50
N GLU A 193 -7.29 -8.88 5.26
CA GLU A 193 -6.45 -8.67 4.06
C GLU A 193 -6.98 -7.46 3.26
N GLN A 194 -6.07 -6.72 2.64
CA GLN A 194 -6.48 -5.62 1.80
C GLN A 194 -7.06 -6.18 0.50
N VAL A 195 -8.18 -5.58 0.09
CA VAL A 195 -8.80 -5.82 -1.19
C VAL A 195 -8.79 -4.51 -1.96
N ARG A 196 -8.37 -4.56 -3.24
CA ARG A 196 -8.17 -3.37 -4.08
C ARG A 196 -9.23 -3.38 -5.21
N PHE A 197 -9.96 -2.27 -5.36
CA PHE A 197 -11.10 -2.17 -6.30
C PHE A 197 -10.86 -1.11 -7.39
N TYR A 198 -10.60 0.13 -6.97
CA TYR A 198 -10.28 1.26 -7.86
C TYR A 198 -11.34 1.44 -8.95
N LYS A 199 -12.60 1.52 -8.51
CA LYS A 199 -13.73 1.64 -9.44
C LYS A 199 -13.62 2.94 -10.24
N ARG A 200 -13.62 4.08 -9.54
CA ARG A 200 -13.72 5.39 -10.22
C ARG A 200 -12.42 5.70 -10.97
N ALA A 201 -11.27 5.24 -10.46
CA ALA A 201 -9.99 5.49 -11.13
C ALA A 201 -9.95 4.75 -12.48
N GLN A 202 -10.47 3.51 -12.52
CA GLN A 202 -10.46 2.68 -13.72
C GLN A 202 -11.53 3.15 -14.72
N ILE A 203 -12.69 3.59 -14.23
N ILE A 203 -12.70 3.54 -14.20
CA ILE A 203 -13.75 4.06 -15.12
CA ILE A 203 -13.79 4.12 -14.97
C ILE A 203 -13.30 5.36 -15.80
C ILE A 203 -13.26 5.31 -15.77
N LEU A 204 -12.52 6.18 -15.08
CA LEU A 204 -11.92 7.41 -15.63
C LEU A 204 -11.09 7.07 -16.88
N VAL A 205 -10.24 6.05 -16.79
CA VAL A 205 -9.36 5.69 -17.91
C VAL A 205 -10.20 5.25 -19.11
N SER A 206 -11.21 4.42 -18.88
CA SER A 206 -12.05 3.93 -19.96
C SER A 206 -12.84 5.09 -20.58
N ASP A 207 -13.17 6.12 -19.79
CA ASP A 207 -13.92 7.30 -20.26
C ASP A 207 -13.04 8.23 -21.10
N LEU A 208 -11.73 8.31 -20.81
CA LEU A 208 -10.79 9.05 -21.66
C LEU A 208 -10.70 8.35 -23.03
N TYR A 209 -10.54 7.03 -23.00
CA TYR A 209 -10.50 6.21 -24.21
C TYR A 209 -11.74 6.49 -25.06
N GLY A 210 -12.92 6.49 -24.40
CA GLY A 210 -14.18 6.79 -25.06
C GLY A 210 -14.22 8.20 -25.63
N ALA A 211 -13.95 9.19 -24.78
CA ALA A 211 -14.10 10.59 -25.16
C ALA A 211 -13.12 10.95 -26.29
N PHE A 212 -11.93 10.36 -26.30
CA PHE A 212 -10.87 10.74 -27.25
C PHE A 212 -10.70 9.69 -28.35
N ASP A 213 -11.64 8.74 -28.47
CA ASP A 213 -11.62 7.72 -29.52
C ASP A 213 -10.26 6.99 -29.58
N GLY A 214 -9.67 6.70 -28.42
CA GLY A 214 -8.42 5.94 -28.35
C GLY A 214 -7.23 6.63 -29.02
N SER A 215 -7.29 7.96 -29.18
CA SER A 215 -6.21 8.77 -29.77
C SER A 215 -5.81 9.89 -28.80
N ASP A 216 -4.65 10.51 -29.05
CA ASP A 216 -4.16 11.64 -28.25
C ASP A 216 -4.21 11.22 -26.77
N LEU A 217 -4.99 11.95 -25.95
CA LEU A 217 -4.95 11.78 -24.50
C LEU A 217 -5.70 10.50 -24.08
N GLY A 218 -6.52 9.95 -24.99
CA GLY A 218 -7.27 8.73 -24.74
C GLY A 218 -6.59 7.50 -25.33
N ALA A 219 -5.35 7.65 -25.78
CA ALA A 219 -4.53 6.54 -26.30
C ALA A 219 -3.98 5.70 -25.14
N PHE A 220 -4.27 4.39 -25.14
CA PHE A 220 -3.76 3.44 -24.13
C PHE A 220 -3.47 2.08 -24.78
N ASP A 221 -2.32 1.51 -24.45
CA ASP A 221 -1.83 0.29 -25.09
C ASP A 221 -2.17 -0.96 -24.27
N ASP A 222 -2.81 -0.79 -23.09
CA ASP A 222 -2.93 -1.88 -22.13
C ASP A 222 -4.31 -1.88 -21.46
N LEU A 223 -5.36 -1.54 -22.22
CA LEU A 223 -6.73 -1.44 -21.68
C LEU A 223 -7.27 -2.78 -21.17
N GLY A 224 -6.75 -3.89 -21.73
CA GLY A 224 -7.07 -5.23 -21.28
C GLY A 224 -6.81 -5.44 -19.79
N GLU A 225 -5.94 -4.60 -19.23
CA GLU A 225 -5.50 -4.71 -17.85
C GLU A 225 -6.55 -4.14 -16.89
N LEU A 226 -7.49 -3.32 -17.37
CA LEU A 226 -8.58 -2.82 -16.51
C LEU A 226 -9.50 -4.00 -16.15
N THR A 227 -10.11 -3.90 -14.96
CA THR A 227 -11.16 -4.79 -14.51
C THR A 227 -12.51 -4.10 -14.71
N ALA A 228 -13.58 -4.83 -14.37
CA ALA A 228 -14.89 -4.24 -14.15
C ALA A 228 -14.81 -3.18 -13.05
N PHE A 229 -15.79 -2.28 -13.07
CA PHE A 229 -15.91 -1.19 -12.13
C PHE A 229 -16.96 -1.59 -11.10
N ALA A 230 -16.51 -1.99 -9.90
CA ALA A 230 -17.37 -2.64 -8.93
C ALA A 230 -18.35 -1.61 -8.34
N ASN A 231 -19.58 -1.63 -8.86
CA ASN A 231 -20.66 -0.68 -8.54
C ASN A 231 -21.88 -1.47 -8.03
N TYR A 232 -23.09 -0.87 -8.11
CA TYR A 232 -24.31 -1.56 -7.66
C TYR A 232 -25.16 -2.08 -8.83
N LYS A 233 -24.95 -1.57 -10.06
CA LYS A 233 -25.82 -1.94 -11.17
C LYS A 233 -25.39 -3.26 -11.82
N VAL A 234 -24.09 -3.47 -12.00
CA VAL A 234 -23.60 -4.62 -12.73
C VAL A 234 -23.88 -5.90 -11.93
N PRO A 235 -23.62 -5.95 -10.61
CA PRO A 235 -24.04 -7.13 -9.83
C PRO A 235 -25.55 -7.41 -9.95
N GLN A 236 -26.37 -6.37 -10.05
CA GLN A 236 -27.82 -6.55 -10.22
C GLN A 236 -28.09 -7.24 -11.56
N VAL A 237 -27.34 -6.85 -12.61
CA VAL A 237 -27.48 -7.50 -13.91
C VAL A 237 -27.01 -8.95 -13.79
N LEU A 238 -25.83 -9.16 -13.19
CA LEU A 238 -25.25 -10.50 -13.09
C LEU A 238 -26.18 -11.41 -12.29
N HIS A 239 -26.83 -10.88 -11.26
CA HIS A 239 -27.80 -11.66 -10.49
C HIS A 239 -29.01 -11.99 -11.37
N HIS A 240 -29.48 -10.99 -12.12
CA HIS A 240 -30.58 -11.19 -13.05
C HIS A 240 -30.24 -12.31 -14.05
N LEU A 241 -29.00 -12.33 -14.55
CA LEU A 241 -28.58 -13.33 -15.56
C LEU A 241 -28.25 -14.69 -14.90
N GLY A 242 -28.33 -14.76 -13.56
CA GLY A 242 -28.11 -16.02 -12.83
C GLY A 242 -26.64 -16.28 -12.50
N ILE A 243 -25.75 -15.35 -12.85
CA ILE A 243 -24.30 -15.54 -12.71
C ILE A 243 -23.89 -15.34 -11.25
N LEU A 244 -24.46 -14.34 -10.57
CA LEU A 244 -24.25 -14.14 -9.13
C LEU A 244 -25.46 -14.70 -8.37
N ARG A 245 -25.17 -15.46 -7.31
CA ARG A 245 -26.16 -15.99 -6.40
C ARG A 245 -25.89 -15.39 -5.02
N TYR A 246 -26.96 -15.10 -4.28
CA TYR A 246 -26.89 -14.51 -2.94
C TYR A 246 -27.49 -15.48 -1.92
N ALA A 247 -26.82 -15.58 -0.76
CA ALA A 247 -27.25 -16.41 0.37
C ALA A 247 -28.48 -15.78 1.03
N PRO A 248 -29.22 -16.53 1.88
CA PRO A 248 -30.51 -16.07 2.40
C PRO A 248 -30.60 -14.67 3.03
N ALA A 249 -29.75 -14.36 4.01
CA ALA A 249 -29.89 -13.08 4.72
C ALA A 249 -29.55 -11.93 3.76
N LEU A 250 -28.53 -12.10 2.91
CA LEU A 250 -28.17 -11.01 1.98
C LEU A 250 -29.29 -10.79 0.96
N HIS A 251 -29.83 -11.88 0.38
CA HIS A 251 -30.95 -11.79 -0.57
C HIS A 251 -32.10 -10.98 0.03
N ASP A 252 -32.49 -11.34 1.26
CA ASP A 252 -33.60 -10.68 1.97
C ASP A 252 -33.27 -9.19 2.20
N ARG A 253 -32.00 -8.86 2.51
CA ARG A 253 -31.61 -7.46 2.71
C ARG A 253 -31.81 -6.65 1.42
N LEU A 254 -31.34 -7.17 0.30
CA LEU A 254 -31.49 -6.50 -0.99
C LEU A 254 -32.97 -6.31 -1.31
N ALA A 255 -33.78 -7.35 -1.08
CA ALA A 255 -35.22 -7.33 -1.32
C ALA A 255 -35.90 -6.22 -0.51
N ARG A 256 -35.51 -6.05 0.77
CA ARG A 256 -36.11 -5.04 1.65
C ARG A 256 -35.52 -3.65 1.39
N ARG A 257 -34.49 -3.55 0.54
CA ARG A 257 -33.75 -2.30 0.28
C ARG A 257 -33.14 -1.77 1.57
N GLU A 258 -32.62 -2.70 2.40
CA GLU A 258 -31.90 -2.34 3.61
C GLU A 258 -30.47 -1.98 3.22
N GLU A 259 -29.97 -0.85 3.74
CA GLU A 259 -28.64 -0.35 3.43
C GLU A 259 -27.57 -1.26 4.05
N ILE A 260 -26.47 -1.44 3.33
CA ILE A 260 -25.36 -2.28 3.75
C ILE A 260 -24.16 -1.37 4.00
N PRO A 261 -23.50 -1.43 5.19
CA PRO A 261 -22.36 -0.57 5.47
C PRO A 261 -21.19 -0.84 4.51
N ALA A 262 -20.60 0.23 3.99
CA ALA A 262 -19.41 0.13 3.13
C ALA A 262 -18.31 -0.62 3.89
N GLY A 263 -17.58 -1.51 3.20
CA GLY A 263 -16.46 -2.21 3.77
C GLY A 263 -16.86 -3.39 4.64
N SER A 264 -18.17 -3.59 4.88
CA SER A 264 -18.65 -4.78 5.58
C SER A 264 -18.39 -6.01 4.72
N PRO A 265 -18.25 -7.22 5.31
CA PRO A 265 -17.98 -8.43 4.53
C PRO A 265 -18.95 -8.65 3.34
N GLU A 266 -20.25 -8.48 3.55
CA GLU A 266 -21.28 -8.71 2.50
C GLU A 266 -21.00 -7.80 1.29
N GLU A 267 -20.78 -6.51 1.56
CA GLU A 267 -20.56 -5.47 0.55
C GLU A 267 -19.26 -5.77 -0.22
N VAL A 268 -18.21 -6.15 0.49
CA VAL A 268 -16.93 -6.44 -0.16
C VAL A 268 -17.07 -7.70 -1.02
N GLU A 269 -17.87 -8.67 -0.57
CA GLU A 269 -18.10 -9.90 -1.32
C GLU A 269 -18.85 -9.58 -2.63
N ILE A 270 -19.84 -8.70 -2.59
CA ILE A 270 -20.58 -8.33 -3.80
C ILE A 270 -19.61 -7.72 -4.83
N ARG A 271 -18.76 -6.80 -4.37
N ARG A 271 -18.78 -6.79 -4.37
CA ARG A 271 -17.88 -6.05 -5.26
CA ARG A 271 -17.88 -6.05 -5.26
C ARG A 271 -16.82 -7.00 -5.86
C ARG A 271 -16.84 -7.01 -5.86
N ALA A 272 -16.26 -7.88 -5.04
CA ALA A 272 -15.26 -8.84 -5.50
C ALA A 272 -15.88 -9.80 -6.52
N ALA A 273 -17.09 -10.28 -6.23
CA ALA A 273 -17.77 -11.25 -7.11
C ALA A 273 -18.23 -10.55 -8.40
N THR A 274 -18.48 -9.24 -8.33
CA THR A 274 -18.75 -8.48 -9.54
C THR A 274 -17.52 -8.52 -10.46
N ILE A 275 -16.33 -8.25 -9.90
CA ILE A 275 -15.08 -8.24 -10.68
C ILE A 275 -14.88 -9.60 -11.34
N TRP A 276 -15.08 -10.68 -10.57
CA TRP A 276 -14.78 -12.01 -11.04
C TRP A 276 -15.94 -12.57 -11.89
N GLY A 277 -17.17 -12.14 -11.61
CA GLY A 277 -18.28 -12.46 -12.50
C GLY A 277 -18.04 -11.94 -13.91
N VAL A 278 -17.53 -10.70 -14.02
CA VAL A 278 -17.21 -10.11 -15.31
C VAL A 278 -15.99 -10.84 -15.92
N GLU A 279 -14.97 -11.11 -15.12
CA GLU A 279 -13.77 -11.74 -15.63
C GLU A 279 -14.10 -13.16 -16.12
N GLU A 280 -14.93 -13.90 -15.37
CA GLU A 280 -15.31 -15.27 -15.77
C GLU A 280 -16.14 -15.25 -17.07
N LEU A 281 -17.02 -14.26 -17.23
CA LEU A 281 -17.81 -14.08 -18.48
C LEU A 281 -16.88 -13.72 -19.65
N ARG A 282 -15.86 -12.89 -19.38
CA ARG A 282 -14.90 -12.52 -20.41
C ARG A 282 -14.16 -13.76 -20.92
N ARG A 283 -13.65 -14.59 -19.99
CA ARG A 283 -12.91 -15.81 -20.36
C ARG A 283 -13.83 -16.77 -21.14
N ALA A 284 -15.09 -16.91 -20.71
CA ALA A 284 -16.05 -17.85 -21.33
C ALA A 284 -16.41 -17.38 -22.75
N LEU A 285 -16.58 -16.06 -22.91
CA LEU A 285 -16.83 -15.48 -24.22
C LEU A 285 -15.62 -15.72 -25.14
N ALA A 286 -14.41 -15.43 -24.65
CA ALA A 286 -13.18 -15.57 -25.47
C ALA A 286 -13.05 -17.01 -25.94
N SER A 287 -13.30 -17.95 -25.03
CA SER A 287 -13.35 -19.39 -25.28
C SER A 287 -14.23 -19.74 -26.48
N ARG A 288 -15.31 -18.98 -26.68
CA ARG A 288 -16.28 -19.26 -27.74
C ARG A 288 -16.04 -18.33 -28.93
N GLY A 289 -14.86 -17.71 -28.98
CA GLY A 289 -14.40 -16.94 -30.15
C GLY A 289 -14.91 -15.50 -30.17
N HIS A 290 -15.39 -15.00 -29.03
CA HIS A 290 -15.81 -13.60 -28.92
C HIS A 290 -14.93 -12.89 -27.88
N ALA A 291 -13.84 -12.29 -28.37
CA ALA A 291 -12.80 -11.66 -27.56
C ALA A 291 -13.20 -10.21 -27.25
N LEU A 292 -13.49 -9.93 -25.97
CA LEU A 292 -13.70 -8.56 -25.48
C LEU A 292 -12.77 -8.33 -24.29
N ASP A 293 -12.44 -7.06 -24.05
CA ASP A 293 -11.74 -6.67 -22.83
C ASP A 293 -12.74 -6.63 -21.69
N ALA A 294 -12.24 -6.79 -20.46
CA ALA A 294 -13.08 -6.81 -19.27
C ALA A 294 -13.91 -5.53 -19.18
N TYR A 295 -13.31 -4.37 -19.50
CA TYR A 295 -14.04 -3.09 -19.39
C TYR A 295 -15.20 -3.07 -20.41
N GLN A 296 -15.02 -3.74 -21.55
CA GLN A 296 -16.11 -3.82 -22.56
C GLN A 296 -17.25 -4.71 -22.04
N VAL A 297 -16.91 -5.80 -21.36
CA VAL A 297 -17.94 -6.67 -20.81
C VAL A 297 -18.72 -5.89 -19.74
N ASP A 298 -18.00 -5.12 -18.91
CA ASP A 298 -18.62 -4.24 -17.92
C ASP A 298 -19.59 -3.27 -18.63
N TRP A 299 -19.12 -2.56 -19.66
CA TRP A 299 -19.96 -1.60 -20.40
C TRP A 299 -21.24 -2.27 -20.90
N LEU A 300 -21.08 -3.47 -21.47
CA LEU A 300 -22.17 -4.23 -22.05
C LEU A 300 -23.20 -4.59 -20.96
N LEU A 301 -22.73 -5.04 -19.80
CA LEU A 301 -23.62 -5.40 -18.70
C LEU A 301 -24.29 -4.15 -18.11
N TRP A 302 -23.54 -3.05 -17.97
CA TRP A 302 -24.10 -1.82 -17.43
C TRP A 302 -25.24 -1.33 -18.33
N ASP A 303 -25.06 -1.49 -19.64
CA ASP A 303 -26.08 -1.09 -20.61
C ASP A 303 -27.34 -1.95 -20.42
N GLU A 304 -27.18 -3.27 -20.27
CA GLU A 304 -28.31 -4.18 -20.00
C GLU A 304 -29.05 -3.75 -18.73
N GLY A 305 -28.30 -3.16 -17.78
CA GLY A 305 -28.81 -2.71 -16.49
C GLY A 305 -29.75 -1.51 -16.58
N GLN A 306 -29.85 -0.90 -17.77
CA GLN A 306 -30.70 0.26 -18.01
C GLN A 306 -32.13 -0.16 -18.38
N ARG A 307 -32.35 -1.45 -18.66
CA ARG A 307 -33.69 -1.95 -19.00
C ARG A 307 -33.91 -3.36 -18.44
N LEU A 308 -33.66 -3.52 -17.13
CA LEU A 308 -34.00 -4.74 -16.43
C LEU A 308 -35.50 -4.82 -16.24
N PRO A 309 -36.10 -6.03 -16.30
CA PRO A 309 -37.54 -6.19 -16.09
C PRO A 309 -37.98 -5.75 -14.69
N ALA A 310 -39.24 -5.36 -14.59
CA ALA A 310 -39.92 -5.09 -13.32
C ALA A 310 -39.73 -6.31 -12.41
N GLY A 311 -39.43 -6.05 -11.13
CA GLY A 311 -39.44 -7.08 -10.13
C GLY A 311 -38.18 -7.94 -10.11
N THR A 312 -37.12 -7.53 -10.81
N THR A 312 -37.12 -7.51 -10.80
CA THR A 312 -35.80 -8.09 -10.55
CA THR A 312 -35.79 -8.05 -10.56
C THR A 312 -35.39 -7.63 -9.14
C THR A 312 -35.40 -7.62 -9.14
N LEU A 313 -34.52 -8.40 -8.50
CA LEU A 313 -34.08 -8.09 -7.15
C LEU A 313 -33.49 -6.68 -7.16
N PRO A 314 -33.85 -5.80 -6.19
CA PRO A 314 -33.26 -4.46 -6.14
C PRO A 314 -31.72 -4.54 -6.01
N TYR A 315 -31.04 -3.56 -6.58
CA TYR A 315 -29.59 -3.39 -6.40
C TYR A 315 -29.32 -3.10 -4.92
N HIS A 316 -28.11 -3.45 -4.47
CA HIS A 316 -27.69 -3.22 -3.10
C HIS A 316 -27.43 -1.72 -2.91
N ARG A 317 -27.68 -1.25 -1.67
CA ARG A 317 -27.57 0.16 -1.29
C ARG A 317 -26.50 0.30 -0.19
N THR A 318 -25.41 1.03 -0.49
CA THR A 318 -24.22 1.08 0.40
C THR A 318 -24.11 2.41 1.15
N ARG A 319 -24.09 3.49 0.38
CA ARG A 319 -23.66 4.87 0.75
C ARG A 319 -22.13 4.94 0.77
N THR A 320 -21.54 4.98 1.98
CA THR A 320 -20.21 5.62 2.19
C THR A 320 -19.18 5.02 1.23
N ASP B 6 0.06 -5.86 22.24
CA ASP B 6 1.01 -5.17 21.30
C ASP B 6 1.47 -3.86 21.97
N ARG B 7 2.33 -4.02 22.97
CA ARG B 7 2.54 -3.02 23.99
C ARG B 7 3.29 -1.78 23.45
N LEU B 8 4.00 -1.91 22.32
CA LEU B 8 4.71 -0.76 21.73
C LEU B 8 3.89 -0.09 20.62
N GLY B 9 2.85 -0.78 20.14
CA GLY B 9 1.92 -0.25 19.14
C GLY B 9 2.44 -0.35 17.71
N VAL B 10 3.48 -1.16 17.49
CA VAL B 10 4.05 -1.28 16.15
C VAL B 10 3.07 -2.03 15.23
N LEU B 11 2.59 -3.22 15.63
CA LEU B 11 1.64 -3.98 14.77
C LEU B 11 0.35 -3.20 14.53
N THR B 12 -0.20 -2.61 15.60
CA THR B 12 -1.47 -1.91 15.53
C THR B 12 -1.39 -0.73 14.54
N THR B 13 -0.36 0.10 14.66
CA THR B 13 -0.29 1.33 13.86
C THR B 13 0.09 0.98 12.42
N THR B 14 0.95 -0.02 12.22
CA THR B 14 1.36 -0.40 10.87
C THR B 14 0.19 -1.07 10.12
N ARG B 15 -0.68 -1.79 10.83
N ARG B 15 -0.66 -1.82 10.84
CA ARG B 15 -1.83 -2.46 10.21
CA ARG B 15 -1.89 -2.46 10.31
C ARG B 15 -2.73 -1.40 9.55
C ARG B 15 -2.72 -1.40 9.57
N ARG B 16 -2.88 -0.24 10.21
CA ARG B 16 -3.67 0.87 9.67
C ARG B 16 -3.11 1.33 8.32
N VAL B 17 -1.77 1.35 8.19
CA VAL B 17 -1.12 1.73 6.95
C VAL B 17 -1.40 0.67 5.87
N VAL B 18 -1.16 -0.61 6.20
CA VAL B 18 -1.29 -1.67 5.21
C VAL B 18 -2.71 -1.68 4.64
N GLU B 19 -3.72 -1.47 5.50
CA GLU B 19 -5.11 -1.50 5.10
C GLU B 19 -5.44 -0.40 4.06
N GLN B 20 -4.72 0.72 4.16
N GLN B 20 -4.77 0.75 4.13
CA GLN B 20 -4.97 1.96 3.39
CA GLN B 20 -5.10 1.86 3.22
C GLN B 20 -4.06 2.06 2.16
C GLN B 20 -3.93 2.20 2.30
N ALA B 21 -2.98 1.27 2.13
CA ALA B 21 -1.80 1.51 1.27
C ALA B 21 -2.18 1.52 -0.21
N GLN B 22 -1.65 2.49 -0.96
CA GLN B 22 -1.92 2.66 -2.38
C GLN B 22 -0.79 2.06 -3.24
N ALA B 23 0.46 2.12 -2.75
CA ALA B 23 1.64 1.79 -3.57
C ALA B 23 2.18 0.38 -3.27
N VAL B 24 1.76 -0.23 -2.16
CA VAL B 24 2.27 -1.52 -1.72
C VAL B 24 1.10 -2.38 -1.25
N TRP B 25 1.15 -3.68 -1.58
CA TRP B 25 0.17 -4.62 -1.09
C TRP B 25 0.83 -6.00 -0.89
N ILE B 26 0.23 -6.78 0.01
CA ILE B 26 0.67 -8.14 0.32
C ILE B 26 -0.15 -9.11 -0.54
N ASP B 27 0.57 -10.02 -1.20
CA ASP B 27 -0.04 -11.14 -1.93
C ASP B 27 -0.07 -12.34 -0.97
N HIS B 28 -1.25 -12.57 -0.38
CA HIS B 28 -1.46 -13.58 0.66
C HIS B 28 -1.35 -15.00 0.07
N ASP B 29 -1.60 -15.14 -1.24
CA ASP B 29 -1.40 -16.42 -1.92
CA ASP B 29 -1.39 -16.42 -1.94
C ASP B 29 0.09 -16.77 -1.91
N ALA B 30 0.94 -15.80 -2.25
CA ALA B 30 2.40 -16.00 -2.21
C ALA B 30 2.84 -16.26 -0.77
N VAL B 31 2.24 -15.59 0.22
CA VAL B 31 2.57 -15.87 1.64
C VAL B 31 2.37 -17.36 1.93
N ALA B 32 1.23 -17.91 1.49
CA ALA B 32 0.89 -19.33 1.69
C ALA B 32 1.88 -20.25 0.95
N GLN B 33 2.23 -19.92 -0.31
CA GLN B 33 3.19 -20.73 -1.07
C GLN B 33 4.56 -20.75 -0.37
N ILE B 34 5.04 -19.58 0.08
CA ILE B 34 6.36 -19.47 0.71
C ILE B 34 6.37 -20.22 2.05
N ALA B 35 5.28 -20.09 2.81
CA ALA B 35 5.17 -20.71 4.12
C ALA B 35 5.17 -22.25 3.99
N GLU B 36 4.54 -22.76 2.93
CA GLU B 36 4.51 -24.22 2.66
C GLU B 36 5.93 -24.74 2.43
N ALA B 37 6.70 -24.05 1.57
CA ALA B 37 8.05 -24.47 1.22
C ALA B 37 9.01 -24.27 2.39
N PHE B 38 8.84 -23.17 3.15
CA PHE B 38 9.76 -22.85 4.27
C PHE B 38 9.48 -23.78 5.46
N ALA B 39 8.20 -24.12 5.70
CA ALA B 39 7.83 -25.03 6.79
C ALA B 39 8.33 -26.45 6.51
N ALA B 40 8.21 -26.89 5.25
CA ALA B 40 8.66 -28.22 4.84
C ALA B 40 10.18 -28.35 5.02
N ARG B 41 10.93 -27.30 4.67
CA ARG B 41 12.40 -27.29 4.82
C ARG B 41 12.81 -26.98 6.27
N GLN B 42 11.85 -26.65 7.14
CA GLN B 42 12.09 -26.39 8.57
C GLN B 42 13.06 -25.21 8.73
N VAL B 43 12.82 -24.14 7.99
CA VAL B 43 13.79 -23.07 7.81
C VAL B 43 14.02 -22.36 9.15
N THR B 44 15.28 -21.97 9.37
CA THR B 44 15.76 -21.49 10.65
C THR B 44 16.81 -20.41 10.38
N PRO B 45 16.85 -19.29 11.15
CA PRO B 45 17.83 -18.25 10.91
C PRO B 45 19.23 -18.75 11.28
N PRO B 46 20.32 -18.18 10.71
CA PRO B 46 21.66 -18.56 11.12
C PRO B 46 21.87 -18.16 12.59
N THR B 47 22.85 -18.78 13.25
CA THR B 47 23.22 -18.37 14.60
C THR B 47 23.94 -17.02 14.51
N TRP B 48 23.95 -16.30 15.64
N TRP B 48 23.96 -16.28 15.62
CA TRP B 48 24.66 -15.04 15.82
CA TRP B 48 24.51 -14.94 15.67
C TRP B 48 26.07 -15.13 15.24
C TRP B 48 26.02 -15.00 15.36
N ASN B 49 26.43 -14.20 14.35
CA ASN B 49 27.78 -14.21 13.76
C ASN B 49 28.82 -13.79 14.81
N ARG B 50 29.74 -14.70 15.14
CA ARG B 50 30.78 -14.47 16.14
C ARG B 50 32.09 -14.00 15.48
N GLU B 51 32.17 -14.07 14.14
CA GLU B 51 33.41 -13.71 13.43
C GLU B 51 33.54 -12.19 13.33
N LEU B 52 32.47 -11.51 12.88
CA LEU B 52 32.50 -10.08 12.55
C LEU B 52 31.98 -9.23 13.71
N HIS B 53 31.22 -9.84 14.63
CA HIS B 53 30.79 -9.17 15.86
C HIS B 53 31.88 -9.31 16.91
N TRP B 54 32.06 -8.24 17.70
CA TRP B 54 33.09 -8.17 18.72
C TRP B 54 32.56 -8.83 20.00
N SER B 55 33.49 -9.23 20.89
CA SER B 55 33.14 -9.80 22.19
C SER B 55 34.23 -9.49 23.23
N ASP B 56 33.78 -9.35 24.49
CA ASP B 56 34.57 -9.63 25.73
C ASP B 56 33.61 -9.49 26.92
N GLY B 57 34.03 -8.79 27.99
CA GLY B 57 33.26 -8.62 29.25
C GLY B 57 31.86 -8.06 29.06
N ARG B 58 31.01 -8.26 30.08
CA ARG B 58 29.56 -8.02 29.98
C ARG B 58 29.25 -6.53 29.87
N GLU B 59 29.97 -5.68 30.61
CA GLU B 59 29.72 -4.24 30.61
C GLU B 59 30.10 -3.64 29.26
N ALA B 60 31.28 -4.03 28.77
CA ALA B 60 31.80 -3.56 27.50
C ALA B 60 30.96 -4.14 26.35
N LEU B 61 30.54 -5.41 26.47
CA LEU B 61 29.74 -6.05 25.40
C LEU B 61 28.37 -5.38 25.27
N ALA B 62 27.73 -5.02 26.39
CA ALA B 62 26.44 -4.30 26.36
C ALA B 62 26.62 -2.94 25.67
N ASN B 63 27.68 -2.22 26.03
CA ASN B 63 27.94 -0.89 25.46
C ASN B 63 28.20 -1.01 23.95
N TYR B 64 28.93 -2.03 23.55
CA TYR B 64 29.22 -2.28 22.13
C TYR B 64 27.92 -2.48 21.34
N ILE B 65 26.97 -3.26 21.89
CA ILE B 65 25.73 -3.57 21.19
C ILE B 65 24.93 -2.28 20.99
N LEU B 66 24.91 -1.42 22.03
CA LEU B 66 24.26 -0.12 21.93
C LEU B 66 24.87 0.71 20.79
N VAL B 67 26.20 0.75 20.73
CA VAL B 67 26.93 1.54 19.72
C VAL B 67 26.64 1.00 18.32
N LEU B 68 26.78 -0.33 18.17
CA LEU B 68 26.52 -1.01 16.92
C LEU B 68 25.16 -0.61 16.35
N ASP B 69 24.10 -0.71 17.17
CA ASP B 69 22.75 -0.53 16.67
C ASP B 69 22.40 0.96 16.61
N ALA B 70 23.13 1.79 17.35
CA ALA B 70 22.92 3.24 17.27
C ALA B 70 23.24 3.74 15.86
N VAL B 71 24.25 3.14 15.21
CA VAL B 71 24.67 3.58 13.88
C VAL B 71 24.31 2.54 12.82
N ASN B 72 23.40 1.61 13.14
CA ASN B 72 23.01 0.54 12.22
C ASN B 72 21.92 1.05 11.27
N PHE B 73 22.34 1.81 10.25
CA PHE B 73 21.41 2.32 9.22
C PHE B 73 22.16 2.75 7.95
N CYS B 74 21.47 2.63 6.81
CA CYS B 74 21.71 3.40 5.56
C CYS B 74 23.15 3.30 5.03
N PHE B 75 23.46 2.21 4.30
CA PHE B 75 24.83 1.94 3.82
C PHE B 75 24.95 2.06 2.30
N TRP B 76 23.85 2.41 1.62
CA TRP B 76 23.81 2.48 0.14
C TRP B 76 24.37 3.82 -0.35
N GLY B 77 24.76 3.86 -1.63
CA GLY B 77 25.31 5.03 -2.28
C GLY B 77 26.46 4.65 -3.19
N GLU B 78 26.76 5.50 -4.18
CA GLU B 78 27.84 5.28 -5.12
C GLU B 78 28.81 6.46 -5.01
N PRO B 79 30.12 6.20 -5.06
CA PRO B 79 30.71 4.86 -5.08
C PRO B 79 30.47 4.10 -3.78
N ARG B 80 30.29 2.78 -3.88
CA ARG B 80 29.84 1.98 -2.75
C ARG B 80 30.88 2.06 -1.64
N TRP B 81 30.40 2.27 -0.41
CA TRP B 81 31.24 2.22 0.75
C TRP B 81 31.56 0.76 1.07
N ARG B 82 32.86 0.44 1.09
CA ARG B 82 33.34 -0.90 1.40
C ARG B 82 34.62 -0.78 2.22
N ILE B 83 34.87 -1.77 3.07
CA ILE B 83 36.05 -1.80 3.92
C ILE B 83 36.71 -3.17 3.78
N GLU B 84 38.03 -3.20 3.94
CA GLU B 84 38.81 -4.43 4.01
C GLU B 84 39.02 -4.76 5.49
N TYR B 85 38.82 -6.03 5.85
CA TYR B 85 39.07 -6.52 7.19
C TYR B 85 39.51 -7.98 7.14
N ALA B 86 40.63 -8.26 7.79
CA ALA B 86 41.26 -9.59 7.88
C ALA B 86 41.23 -10.31 6.53
N GLY B 87 41.66 -9.62 5.47
CA GLY B 87 41.88 -10.22 4.14
C GLY B 87 40.63 -10.24 3.26
N ALA B 88 39.47 -9.82 3.78
CA ALA B 88 38.21 -9.86 3.02
C ALA B 88 37.64 -8.45 2.84
N VAL B 89 36.74 -8.30 1.87
CA VAL B 89 36.07 -7.01 1.60
C VAL B 89 34.58 -7.16 1.96
N TYR B 90 34.06 -6.12 2.63
CA TYR B 90 32.71 -6.09 3.16
C TYR B 90 32.00 -4.81 2.74
N ASP B 91 30.67 -4.90 2.57
CA ASP B 91 29.84 -3.74 2.36
C ASP B 91 28.64 -3.86 3.30
N GLY B 92 27.84 -2.78 3.34
CA GLY B 92 26.62 -2.74 4.14
C GLY B 92 26.89 -3.03 5.60
N TYR B 93 25.99 -3.83 6.20
CA TYR B 93 26.05 -4.08 7.62
C TYR B 93 27.39 -4.70 8.03
N TRP B 94 27.90 -5.66 7.25
CA TRP B 94 29.12 -6.36 7.67
C TRP B 94 30.32 -5.40 7.64
N ALA B 95 30.25 -4.35 6.81
CA ALA B 95 31.28 -3.31 6.79
C ALA B 95 31.20 -2.49 8.09
N LEU B 96 29.98 -2.26 8.58
CA LEU B 96 29.79 -1.61 9.87
C LEU B 96 30.40 -2.47 10.97
N ALA B 97 29.97 -3.73 11.03
CA ALA B 97 30.42 -4.64 12.09
C ALA B 97 31.94 -4.75 12.05
N ALA B 98 32.48 -5.07 10.86
CA ALA B 98 33.92 -5.27 10.70
C ALA B 98 34.69 -4.00 11.08
N SER B 99 34.19 -2.82 10.70
CA SER B 99 34.83 -1.54 11.04
C SER B 99 34.96 -1.35 12.56
N LEU B 100 33.86 -1.57 13.28
CA LEU B 100 33.82 -1.40 14.73
C LEU B 100 34.76 -2.42 15.39
N LYS B 101 34.76 -3.65 14.88
CA LYS B 101 35.59 -4.72 15.43
C LYS B 101 37.07 -4.35 15.26
N ARG B 102 37.41 -3.89 14.05
CA ARG B 102 38.77 -3.46 13.70
C ARG B 102 39.25 -2.38 14.67
N ALA B 103 38.38 -1.41 14.96
CA ALA B 103 38.70 -0.28 15.81
C ALA B 103 38.87 -0.74 17.26
N LEU B 104 37.96 -1.58 17.78
CA LEU B 104 38.05 -2.12 19.15
C LEU B 104 39.38 -2.88 19.31
N GLU B 105 39.71 -3.72 18.31
CA GLU B 105 40.93 -4.55 18.35
C GLU B 105 42.18 -3.66 18.38
N GLN B 106 42.16 -2.53 17.66
CA GLN B 106 43.29 -1.61 17.61
C GLN B 106 43.22 -0.58 18.76
N GLY B 107 42.34 -0.84 19.74
CA GLY B 107 42.38 -0.15 21.04
C GLY B 107 41.54 1.12 21.09
N VAL B 108 40.69 1.37 20.08
CA VAL B 108 39.82 2.55 20.11
C VAL B 108 38.76 2.32 21.19
N PRO B 109 38.61 3.21 22.19
CA PRO B 109 37.74 2.95 23.33
C PRO B 109 36.24 3.21 23.02
N LEU B 110 35.69 2.45 22.07
CA LEU B 110 34.33 2.67 21.53
C LEU B 110 33.24 2.19 22.50
N THR B 111 33.61 1.46 23.57
CA THR B 111 32.65 1.02 24.59
C THR B 111 32.72 1.93 25.82
N ASP B 112 33.54 2.99 25.75
CA ASP B 112 33.70 3.96 26.82
C ASP B 112 32.82 5.19 26.51
N ALA B 113 31.88 5.47 27.41
CA ALA B 113 30.92 6.58 27.26
C ALA B 113 31.62 7.95 27.17
N SER B 114 32.72 8.14 27.90
CA SER B 114 33.41 9.46 27.87
C SER B 114 34.10 9.68 26.51
N TYR B 115 34.61 8.62 25.89
CA TYR B 115 35.16 8.72 24.55
C TYR B 115 34.03 8.96 23.54
N LEU B 116 32.93 8.21 23.64
CA LEU B 116 31.81 8.36 22.71
C LEU B 116 31.28 9.80 22.78
N ALA B 117 31.09 10.31 24.00
CA ALA B 117 30.49 11.63 24.22
C ALA B 117 31.19 12.72 23.42
N GLU B 118 32.51 12.55 23.14
CA GLU B 118 33.36 13.58 22.48
C GLU B 118 33.81 13.17 21.07
N ILE B 119 33.34 12.02 20.55
CA ILE B 119 33.91 11.50 19.31
C ILE B 119 33.75 12.56 18.21
N THR B 120 34.80 12.74 17.40
CA THR B 120 34.78 13.74 16.32
C THR B 120 34.48 13.07 14.98
N ARG B 121 34.07 13.91 14.03
CA ARG B 121 33.87 13.56 12.65
C ARG B 121 35.10 12.83 12.11
N ASP B 122 36.29 13.33 12.47
CA ASP B 122 37.59 12.81 12.01
C ASP B 122 37.79 11.37 12.53
N ASP B 123 37.51 11.12 13.81
CA ASP B 123 37.59 9.79 14.40
C ASP B 123 36.68 8.82 13.64
N VAL B 124 35.48 9.29 13.29
CA VAL B 124 34.49 8.44 12.67
C VAL B 124 34.93 8.10 11.23
N ALA B 125 35.44 9.09 10.48
CA ALA B 125 35.97 8.90 9.11
C ALA B 125 37.09 7.84 9.12
N THR B 126 37.89 7.84 10.19
CA THR B 126 39.00 6.90 10.36
C THR B 126 38.44 5.50 10.63
N ILE B 127 37.52 5.39 11.60
CA ILE B 127 36.95 4.10 11.98
C ILE B 127 36.34 3.42 10.74
N PHE B 128 35.70 4.20 9.87
CA PHE B 128 34.94 3.68 8.74
C PHE B 128 35.70 3.88 7.42
N ALA B 129 37.04 3.95 7.49
CA ALA B 129 37.90 4.18 6.33
C ALA B 129 37.88 2.97 5.38
N GLY B 130 37.67 3.25 4.09
CA GLY B 130 37.74 2.22 3.05
C GLY B 130 37.51 2.85 1.69
N GLU B 131 36.87 2.12 0.77
CA GLU B 131 36.41 2.69 -0.48
C GLU B 131 35.21 3.58 -0.20
N GLY B 132 35.13 4.69 -0.92
CA GLY B 132 34.08 5.66 -0.74
C GLY B 132 34.05 6.17 0.70
N GLU B 133 32.84 6.54 1.15
CA GLU B 133 32.65 7.05 2.48
C GLU B 133 31.30 6.54 2.99
N ILE B 134 31.26 6.10 4.25
CA ILE B 134 30.01 5.68 4.87
C ILE B 134 29.01 6.84 4.74
N PRO B 135 27.76 6.61 4.29
CA PRO B 135 26.79 7.68 4.20
C PRO B 135 26.49 8.27 5.59
N LEU B 136 26.08 9.54 5.60
CA LEU B 136 25.61 10.25 6.78
C LEU B 136 26.70 10.23 7.87
N LEU B 137 27.94 10.47 7.44
CA LEU B 137 29.09 10.43 8.32
C LEU B 137 28.91 11.39 9.52
N ASP B 138 28.48 12.63 9.25
CA ASP B 138 28.31 13.66 10.30
C ASP B 138 27.22 13.24 11.30
N GLU B 139 26.09 12.71 10.77
CA GLU B 139 25.00 12.22 11.62
C GLU B 139 25.48 11.07 12.52
N ARG B 140 26.36 10.19 12.02
CA ARG B 140 26.83 9.05 12.81
C ARG B 140 27.64 9.58 14.00
N ALA B 141 28.47 10.60 13.76
CA ALA B 141 29.25 11.22 14.80
C ALA B 141 28.31 11.90 15.81
N ARG B 142 27.33 12.67 15.31
CA ARG B 142 26.35 13.31 16.18
C ARG B 142 25.64 12.26 17.04
N ILE B 143 25.21 11.13 16.43
CA ILE B 143 24.45 10.13 17.17
C ILE B 143 25.34 9.45 18.24
N LEU B 144 26.62 9.20 17.92
CA LEU B 144 27.49 8.54 18.90
C LEU B 144 27.77 9.47 20.10
N ARG B 145 27.89 10.77 19.84
CA ARG B 145 28.09 11.77 20.92
C ARG B 145 26.86 11.78 21.85
N GLU B 146 25.66 11.83 21.25
CA GLU B 146 24.39 11.80 21.98
C GLU B 146 24.34 10.53 22.84
N THR B 147 24.69 9.39 22.22
CA THR B 147 24.63 8.10 22.85
C THR B 147 25.57 8.08 24.07
N GLY B 148 26.78 8.61 23.88
CA GLY B 148 27.79 8.70 24.94
C GLY B 148 27.32 9.53 26.13
N SER B 149 26.71 10.69 25.86
CA SER B 149 26.30 11.65 26.90
C SER B 149 25.15 11.07 27.73
N VAL B 150 24.12 10.55 27.05
CA VAL B 150 22.99 9.99 27.74
C VAL B 150 23.51 8.84 28.63
N LEU B 151 24.42 8.04 28.07
CA LEU B 151 24.97 6.90 28.79
C LEU B 151 25.67 7.41 30.06
N ALA B 152 26.51 8.45 29.93
CA ALA B 152 27.25 9.01 31.08
C ALA B 152 26.29 9.64 32.09
N GLU B 153 25.32 10.42 31.59
CA GLU B 153 24.41 11.20 32.44
C GLU B 153 23.45 10.28 33.21
N ARG B 154 22.81 9.35 32.51
CA ARG B 154 21.64 8.66 33.04
C ARG B 154 21.95 7.24 33.51
N PHE B 155 22.98 6.60 32.95
CA PHE B 155 23.19 5.15 33.18
C PHE B 155 24.59 4.87 33.73
N ALA B 156 25.25 5.91 34.25
CA ALA B 156 26.59 5.85 34.86
C ALA B 156 27.59 5.15 33.92
N GLY B 157 27.43 5.38 32.61
CA GLY B 157 28.35 4.86 31.58
C GLY B 157 28.13 3.39 31.26
N ARG B 158 27.08 2.78 31.81
CA ARG B 158 26.83 1.34 31.70
C ARG B 158 25.44 1.11 31.09
N PHE B 159 25.39 0.67 29.83
CA PHE B 159 24.12 0.28 29.22
C PHE B 159 23.48 -0.86 30.02
N SER B 160 24.34 -1.66 30.67
N SER B 160 24.32 -1.66 30.69
CA SER B 160 23.98 -2.70 31.64
CA SER B 160 23.91 -2.73 31.61
C SER B 160 22.90 -2.22 32.63
C SER B 160 22.88 -2.24 32.64
N ASP B 161 23.00 -0.98 33.07
CA ASP B 161 22.05 -0.39 34.05
C ASP B 161 20.67 -0.17 33.41
N ALA B 162 20.64 0.22 32.14
CA ALA B 162 19.38 0.36 31.39
C ALA B 162 18.72 -1.02 31.21
N ILE B 163 19.53 -2.01 30.83
CA ILE B 163 19.08 -3.37 30.58
C ILE B 163 18.51 -3.98 31.87
N ALA B 164 19.19 -3.77 33.01
CA ALA B 164 18.74 -4.34 34.30
C ALA B 164 17.35 -3.79 34.68
N ALA B 165 17.13 -2.49 34.43
CA ALA B 165 15.84 -1.84 34.72
C ALA B 165 14.68 -2.44 33.89
N ALA B 166 14.98 -3.12 32.78
CA ALA B 166 13.93 -3.70 31.92
C ALA B 166 13.36 -5.01 32.47
N GLY B 167 14.05 -5.64 33.43
CA GLY B 167 13.57 -6.85 34.12
C GLY B 167 13.27 -8.01 33.17
N ARG B 168 14.15 -8.20 32.17
CA ARG B 168 14.02 -9.24 31.14
C ARG B 168 12.77 -9.05 30.27
N SER B 169 12.26 -7.82 30.15
CA SER B 169 11.20 -7.50 29.20
C SER B 169 11.82 -6.76 28.01
N ALA B 170 11.76 -7.38 26.83
CA ALA B 170 12.24 -6.81 25.58
C ALA B 170 11.53 -5.48 25.31
N VAL B 171 10.22 -5.48 25.54
CA VAL B 171 9.35 -4.36 25.28
C VAL B 171 9.67 -3.22 26.27
N ALA B 172 9.88 -3.58 27.54
CA ALA B 172 10.28 -2.59 28.54
C ALA B 172 11.61 -1.94 28.12
N LEU B 173 12.54 -2.75 27.60
CA LEU B 173 13.87 -2.21 27.23
C LEU B 173 13.74 -1.27 26.04
N VAL B 174 12.93 -1.63 25.04
CA VAL B 174 12.72 -0.74 23.88
C VAL B 174 12.23 0.63 24.38
N ASP B 175 11.27 0.62 25.31
CA ASP B 175 10.64 1.84 25.81
C ASP B 175 11.66 2.65 26.64
N ILE B 176 12.52 1.98 27.40
CA ILE B 176 13.59 2.67 28.16
C ILE B 176 14.53 3.38 27.18
N VAL B 177 14.89 2.69 26.09
CA VAL B 177 15.85 3.21 25.11
C VAL B 177 15.25 4.42 24.38
N THR B 178 14.00 4.34 23.94
CA THR B 178 13.42 5.43 23.15
C THR B 178 13.19 6.65 24.05
N ASN B 179 12.93 6.40 25.33
CA ASN B 179 12.70 7.45 26.29
C ASN B 179 13.98 8.29 26.45
N ALA B 180 15.12 7.62 26.50
CA ALA B 180 16.39 8.21 26.92
C ALA B 180 17.25 8.65 25.74
N PHE B 181 17.20 7.92 24.61
CA PHE B 181 18.10 8.16 23.45
C PHE B 181 17.31 8.72 22.28
N PRO B 182 17.33 10.05 22.02
CA PRO B 182 16.50 10.64 20.97
C PRO B 182 16.65 9.99 19.57
N SER B 183 17.86 9.50 19.24
CA SER B 183 18.13 8.96 17.89
C SER B 183 17.33 7.67 17.64
N PHE B 184 16.86 7.01 18.70
CA PHE B 184 16.10 5.76 18.58
C PHE B 184 14.59 5.99 18.44
N ARG B 185 14.11 7.25 18.44
CA ARG B 185 12.64 7.54 18.42
C ARG B 185 12.06 7.46 17.00
N ASP B 186 11.86 6.23 16.52
CA ASP B 186 11.53 5.93 15.14
C ASP B 186 10.01 5.77 14.98
N VAL B 187 9.36 6.90 14.73
CA VAL B 187 7.93 6.98 14.45
C VAL B 187 7.77 7.85 13.20
N ALA B 188 6.60 7.75 12.56
CA ALA B 188 6.28 8.53 11.37
C ALA B 188 4.79 8.85 11.41
N THR B 189 4.29 9.54 10.38
CA THR B 189 2.86 9.75 10.25
C THR B 189 2.42 9.27 8.88
N TYR B 190 1.18 8.81 8.80
CA TYR B 190 0.57 8.39 7.56
C TYR B 190 -0.90 8.82 7.57
N ARG B 191 -1.25 9.69 6.60
CA ARG B 191 -2.57 10.30 6.51
C ARG B 191 -2.98 10.85 7.88
N GLY B 192 -2.05 11.52 8.57
CA GLY B 192 -2.34 12.23 9.84
C GLY B 192 -2.30 11.37 11.09
N GLU B 193 -2.03 10.05 10.96
CA GLU B 193 -1.96 9.14 12.11
C GLU B 193 -0.50 8.77 12.40
N GLN B 194 -0.14 8.62 13.68
CA GLN B 194 1.19 8.15 14.03
C GLN B 194 1.33 6.67 13.68
N VAL B 195 2.49 6.34 13.10
CA VAL B 195 2.95 5.00 12.85
C VAL B 195 4.24 4.81 13.65
N ARG B 196 4.32 3.69 14.37
CA ARG B 196 5.42 3.39 15.26
C ARG B 196 6.20 2.19 14.68
N PHE B 197 7.52 2.37 14.51
CA PHE B 197 8.38 1.38 13.87
C PHE B 197 9.46 0.84 14.82
N TYR B 198 10.26 1.74 15.40
CA TYR B 198 11.27 1.38 16.42
C TYR B 198 12.22 0.31 15.88
N LYS B 199 12.74 0.54 14.68
CA LYS B 199 13.60 -0.44 14.02
C LYS B 199 14.85 -0.70 14.88
N ARG B 200 15.61 0.37 15.19
CA ARG B 200 16.92 0.19 15.82
C ARG B 200 16.78 -0.20 17.29
N ALA B 201 15.75 0.31 17.98
CA ALA B 201 15.51 -0.05 19.38
C ALA B 201 15.17 -1.56 19.49
N GLN B 202 14.40 -2.08 18.53
CA GLN B 202 14.01 -3.48 18.57
C GLN B 202 15.21 -4.35 18.17
N ILE B 203 15.97 -3.96 17.15
CA ILE B 203 17.08 -4.80 16.68
C ILE B 203 18.13 -4.92 17.79
N LEU B 204 18.31 -3.84 18.57
CA LEU B 204 19.23 -3.80 19.69
C LEU B 204 18.91 -4.94 20.68
N VAL B 205 17.63 -5.16 20.96
CA VAL B 205 17.21 -6.19 21.89
C VAL B 205 17.58 -7.57 21.33
N SER B 206 17.30 -7.79 20.04
CA SER B 206 17.61 -9.07 19.39
C SER B 206 19.13 -9.31 19.40
N ASP B 207 19.91 -8.23 19.29
CA ASP B 207 21.37 -8.31 19.25
C ASP B 207 21.94 -8.60 20.65
N LEU B 208 21.28 -8.11 21.71
CA LEU B 208 21.67 -8.49 23.09
C LEU B 208 21.43 -9.99 23.28
N TYR B 209 20.26 -10.46 22.82
CA TYR B 209 19.90 -11.88 22.91
C TYR B 209 20.96 -12.74 22.21
N GLY B 210 21.35 -12.33 20.99
CA GLY B 210 22.34 -13.02 20.18
C GLY B 210 23.72 -13.04 20.81
N ALA B 211 24.22 -11.85 21.20
CA ALA B 211 25.60 -11.67 21.67
C ALA B 211 25.81 -12.30 23.07
N PHE B 212 24.75 -12.35 23.89
CA PHE B 212 24.84 -12.89 25.24
C PHE B 212 24.27 -14.33 25.29
N ASP B 213 23.92 -14.87 24.12
CA ASP B 213 23.41 -16.24 23.95
C ASP B 213 22.21 -16.48 24.87
N GLY B 214 21.31 -15.50 24.95
CA GLY B 214 20.04 -15.62 25.64
C GLY B 214 20.15 -15.69 27.16
N SER B 215 21.32 -15.30 27.71
N SER B 215 21.31 -15.29 27.71
CA SER B 215 21.57 -15.36 29.14
CA SER B 215 21.55 -15.35 29.14
C SER B 215 22.11 -14.02 29.64
C SER B 215 22.10 -14.01 29.63
N ASP B 216 22.00 -13.79 30.96
CA ASP B 216 22.50 -12.57 31.62
C ASP B 216 21.78 -11.36 31.02
N LEU B 217 22.53 -10.43 30.40
CA LEU B 217 21.95 -9.18 29.86
C LEU B 217 21.14 -9.46 28.57
N GLY B 218 21.27 -10.65 27.99
CA GLY B 218 20.51 -11.04 26.80
C GLY B 218 19.34 -11.97 27.09
N ALA B 219 18.99 -12.14 28.37
CA ALA B 219 17.82 -12.93 28.77
C ALA B 219 16.56 -12.07 28.67
N PHE B 220 15.61 -12.51 27.83
CA PHE B 220 14.33 -11.86 27.69
C PHE B 220 13.24 -12.93 27.70
N ASP B 221 12.14 -12.65 28.40
CA ASP B 221 11.04 -13.58 28.59
C ASP B 221 10.00 -13.43 27.46
N ASP B 222 10.03 -12.32 26.72
CA ASP B 222 8.95 -11.93 25.81
C ASP B 222 9.46 -11.58 24.41
N LEU B 223 10.45 -12.30 23.89
CA LEU B 223 11.06 -11.95 22.58
C LEU B 223 10.03 -12.01 21.45
N GLY B 224 8.96 -12.79 21.66
CA GLY B 224 7.83 -12.91 20.73
C GLY B 224 7.18 -11.57 20.42
N GLU B 225 7.29 -10.62 21.35
CA GLU B 225 6.66 -9.30 21.26
C GLU B 225 7.37 -8.38 20.25
N LEU B 226 8.64 -8.68 19.94
CA LEU B 226 9.34 -7.89 18.93
C LEU B 226 8.68 -8.14 17.56
N THR B 227 8.62 -7.08 16.75
CA THR B 227 8.26 -7.19 15.34
C THR B 227 9.53 -7.29 14.51
N ALA B 228 9.35 -7.43 13.19
CA ALA B 228 10.45 -7.29 12.24
C ALA B 228 10.99 -5.85 12.33
N PHE B 229 12.23 -5.70 11.87
CA PHE B 229 12.98 -4.46 11.92
C PHE B 229 12.89 -3.82 10.54
N ALA B 230 12.12 -2.74 10.44
CA ALA B 230 11.72 -2.17 9.16
C ALA B 230 12.90 -1.46 8.48
N ASN B 231 13.43 -2.08 7.41
CA ASN B 231 14.70 -1.71 6.74
C ASN B 231 14.48 -1.74 5.22
N TYR B 232 15.57 -1.72 4.44
CA TYR B 232 15.45 -1.77 2.98
C TYR B 232 15.75 -3.15 2.40
N LYS B 233 16.40 -4.05 3.14
CA LYS B 233 16.77 -5.37 2.60
C LYS B 233 15.62 -6.38 2.69
N VAL B 234 14.93 -6.43 3.84
CA VAL B 234 13.89 -7.43 4.01
C VAL B 234 12.78 -7.21 2.99
N PRO B 235 12.28 -5.98 2.73
CA PRO B 235 11.26 -5.78 1.70
C PRO B 235 11.75 -6.22 0.30
N GLN B 236 13.04 -6.07 0.02
CA GLN B 236 13.60 -6.53 -1.25
C GLN B 236 13.45 -8.05 -1.36
N VAL B 237 13.72 -8.77 -0.27
CA VAL B 237 13.55 -10.22 -0.19
C VAL B 237 12.07 -10.57 -0.36
N LEU B 238 11.19 -9.87 0.38
CA LEU B 238 9.76 -10.13 0.33
C LEU B 238 9.24 -9.88 -1.09
N HIS B 239 9.77 -8.85 -1.78
CA HIS B 239 9.34 -8.58 -3.15
C HIS B 239 9.79 -9.71 -4.05
N HIS B 240 11.06 -10.11 -3.91
CA HIS B 240 11.64 -11.22 -4.64
C HIS B 240 10.80 -12.49 -4.46
N LEU B 241 10.26 -12.70 -3.26
CA LEU B 241 9.50 -13.92 -2.97
C LEU B 241 8.04 -13.78 -3.44
N GLY B 242 7.64 -12.61 -3.94
CA GLY B 242 6.27 -12.37 -4.43
C GLY B 242 5.29 -11.97 -3.34
N ILE B 243 5.77 -11.79 -2.10
CA ILE B 243 4.89 -11.49 -0.94
C ILE B 243 4.50 -10.01 -0.96
N LEU B 244 5.45 -9.12 -1.27
CA LEU B 244 5.19 -7.68 -1.43
C LEU B 244 5.10 -7.37 -2.93
N ARG B 245 4.05 -6.62 -3.30
CA ARG B 245 3.83 -6.16 -4.64
C ARG B 245 3.84 -4.64 -4.60
N TYR B 246 4.45 -4.03 -5.62
CA TYR B 246 4.55 -2.59 -5.73
C TYR B 246 3.72 -2.09 -6.93
N ALA B 247 2.98 -1.01 -6.72
CA ALA B 247 2.24 -0.33 -7.78
C ALA B 247 3.20 0.26 -8.81
N PRO B 248 2.74 0.59 -10.03
CA PRO B 248 3.63 1.01 -11.13
C PRO B 248 4.65 2.14 -10.89
N ALA B 249 4.24 3.28 -10.34
CA ALA B 249 5.18 4.41 -10.15
C ALA B 249 6.25 4.04 -9.10
N LEU B 250 5.85 3.35 -8.02
CA LEU B 250 6.82 2.95 -6.98
C LEU B 250 7.80 1.93 -7.56
N HIS B 251 7.26 0.92 -8.24
CA HIS B 251 8.07 -0.09 -8.91
C HIS B 251 9.15 0.61 -9.76
N ASP B 252 8.75 1.60 -10.55
CA ASP B 252 9.65 2.29 -11.47
C ASP B 252 10.68 3.10 -10.68
N ARG B 253 10.26 3.74 -9.58
CA ARG B 253 11.19 4.53 -8.75
C ARG B 253 12.31 3.63 -8.23
N LEU B 254 11.96 2.42 -7.77
CA LEU B 254 12.94 1.46 -7.26
C LEU B 254 13.88 1.01 -8.40
N ALA B 255 13.33 0.76 -9.60
CA ALA B 255 14.11 0.24 -10.72
C ALA B 255 15.14 1.28 -11.17
N ARG B 256 14.78 2.57 -11.05
CA ARG B 256 15.63 3.70 -11.45
C ARG B 256 16.54 4.13 -10.29
N ARG B 257 16.43 3.47 -9.12
CA ARG B 257 17.20 3.79 -7.91
C ARG B 257 17.01 5.28 -7.57
N GLU B 258 15.75 5.72 -7.66
CA GLU B 258 15.38 7.07 -7.33
C GLU B 258 15.12 7.12 -5.82
N GLU B 259 15.73 8.10 -5.17
CA GLU B 259 15.68 8.27 -3.74
C GLU B 259 14.24 8.58 -3.33
N ILE B 260 13.79 8.00 -2.21
CA ILE B 260 12.45 8.22 -1.68
C ILE B 260 12.57 8.96 -0.35
N PRO B 261 11.92 10.13 -0.17
CA PRO B 261 12.02 10.88 1.09
C PRO B 261 11.46 10.11 2.30
N ALA B 262 12.23 10.09 3.39
CA ALA B 262 11.79 9.51 4.65
C ALA B 262 10.50 10.20 5.10
N GLY B 263 9.53 9.40 5.57
CA GLY B 263 8.25 9.92 6.07
C GLY B 263 7.23 10.13 4.97
N SER B 264 7.64 10.00 3.71
CA SER B 264 6.72 10.12 2.56
C SER B 264 5.78 8.91 2.57
N PRO B 265 4.53 9.04 2.06
CA PRO B 265 3.57 7.93 2.12
C PRO B 265 4.12 6.60 1.59
N GLU B 266 4.84 6.63 0.46
CA GLU B 266 5.38 5.42 -0.18
C GLU B 266 6.37 4.68 0.74
N GLU B 267 7.23 5.44 1.41
CA GLU B 267 8.30 4.90 2.25
C GLU B 267 7.70 4.29 3.53
N VAL B 268 6.67 4.96 4.08
CA VAL B 268 5.97 4.47 5.26
C VAL B 268 5.18 3.20 4.89
N GLU B 269 4.59 3.16 3.69
CA GLU B 269 3.89 1.95 3.19
C GLU B 269 4.86 0.77 3.07
N ILE B 270 6.07 1.02 2.53
CA ILE B 270 7.06 -0.04 2.42
C ILE B 270 7.40 -0.61 3.80
N ARG B 271 7.64 0.28 4.77
N ARG B 271 7.64 0.28 4.77
CA ARG B 271 8.03 -0.12 6.12
CA ARG B 271 8.04 -0.14 6.13
C ARG B 271 6.88 -0.89 6.80
C ARG B 271 6.89 -0.88 6.81
N ALA B 272 5.65 -0.39 6.66
CA ALA B 272 4.49 -1.03 7.32
C ALA B 272 4.25 -2.43 6.70
N ALA B 273 4.37 -2.51 5.38
CA ALA B 273 4.16 -3.77 4.66
C ALA B 273 5.27 -4.78 4.97
N THR B 274 6.48 -4.28 5.30
CA THR B 274 7.56 -5.14 5.73
C THR B 274 7.19 -5.83 7.06
N ILE B 275 6.73 -5.02 8.02
N ILE B 275 6.69 -5.04 8.00
CA ILE B 275 6.30 -5.51 9.32
CA ILE B 275 6.36 -5.57 9.32
C ILE B 275 5.26 -6.61 9.12
C ILE B 275 5.21 -6.57 9.22
N TRP B 276 4.20 -6.28 8.38
CA TRP B 276 3.06 -7.18 8.17
C TRP B 276 3.37 -8.32 7.21
N GLY B 277 4.33 -8.14 6.28
CA GLY B 277 4.77 -9.24 5.46
C GLY B 277 5.39 -10.34 6.32
N VAL B 278 6.25 -9.92 7.26
CA VAL B 278 6.93 -10.82 8.16
C VAL B 278 5.91 -11.47 9.10
N GLU B 279 4.99 -10.68 9.65
CA GLU B 279 3.99 -11.21 10.58
C GLU B 279 3.10 -12.24 9.86
N GLU B 280 2.68 -11.93 8.63
CA GLU B 280 1.77 -12.85 7.90
C GLU B 280 2.50 -14.17 7.59
N LEU B 281 3.79 -14.08 7.25
CA LEU B 281 4.59 -15.25 6.98
C LEU B 281 4.78 -16.04 8.28
N ARG B 282 5.00 -15.34 9.39
CA ARG B 282 5.13 -16.00 10.70
C ARG B 282 3.85 -16.80 11.01
N ARG B 283 2.68 -16.18 10.86
CA ARG B 283 1.39 -16.83 11.15
C ARG B 283 1.19 -18.05 10.23
N ALA B 284 1.55 -17.90 8.94
CA ALA B 284 1.36 -18.98 7.94
C ALA B 284 2.31 -20.16 8.24
N LEU B 285 3.53 -19.85 8.68
CA LEU B 285 4.48 -20.86 9.11
C LEU B 285 3.92 -21.61 10.33
N ALA B 286 3.46 -20.85 11.35
CA ALA B 286 2.94 -21.46 12.58
C ALA B 286 1.76 -22.39 12.26
N SER B 287 0.89 -21.98 11.32
CA SER B 287 -0.24 -22.79 10.86
C SER B 287 0.23 -24.14 10.27
N ARG B 288 1.41 -24.14 9.65
CA ARG B 288 1.96 -25.33 9.00
C ARG B 288 2.89 -26.07 9.95
N GLY B 289 2.84 -25.73 11.24
CA GLY B 289 3.53 -26.44 12.31
C GLY B 289 4.98 -26.02 12.49
N HIS B 290 5.38 -24.88 11.93
CA HIS B 290 6.75 -24.36 12.10
C HIS B 290 6.72 -23.00 12.80
N ALA B 291 6.85 -23.05 14.14
CA ALA B 291 6.72 -21.88 15.01
C ALA B 291 8.07 -21.16 15.13
N LEU B 292 8.12 -19.92 14.65
CA LEU B 292 9.22 -18.99 14.87
C LEU B 292 8.63 -17.70 15.42
N ASP B 293 9.44 -16.95 16.18
CA ASP B 293 9.10 -15.57 16.55
C ASP B 293 9.33 -14.67 15.34
N ALA B 294 8.67 -13.51 15.32
CA ALA B 294 8.76 -12.56 14.19
C ALA B 294 10.22 -12.13 13.96
N TYR B 295 11.02 -11.93 15.03
CA TYR B 295 12.42 -11.50 14.85
C TYR B 295 13.23 -12.61 14.16
N GLN B 296 12.86 -13.87 14.40
CA GLN B 296 13.53 -15.02 13.78
C GLN B 296 13.20 -15.07 12.28
N VAL B 297 11.96 -14.73 11.93
CA VAL B 297 11.54 -14.69 10.55
C VAL B 297 12.29 -13.54 9.87
N ASP B 298 12.40 -12.40 10.57
CA ASP B 298 13.18 -11.26 10.10
C ASP B 298 14.63 -11.70 9.82
N TRP B 299 15.25 -12.37 10.79
CA TRP B 299 16.66 -12.79 10.66
C TRP B 299 16.85 -13.72 9.45
N LEU B 300 15.95 -14.67 9.26
CA LEU B 300 16.13 -15.61 8.17
C LEU B 300 15.87 -14.91 6.83
N LEU B 301 14.96 -13.93 6.77
CA LEU B 301 14.78 -13.18 5.49
C LEU B 301 15.99 -12.27 5.23
N TRP B 302 16.54 -11.63 6.28
CA TRP B 302 17.70 -10.77 6.09
C TRP B 302 18.87 -11.60 5.57
N ASP B 303 19.04 -12.81 6.11
CA ASP B 303 20.07 -13.74 5.65
C ASP B 303 19.91 -14.08 4.16
N GLU B 304 18.67 -14.37 3.73
CA GLU B 304 18.35 -14.59 2.29
C GLU B 304 18.73 -13.36 1.46
N GLY B 305 18.54 -12.17 2.04
CA GLY B 305 18.89 -10.88 1.42
C GLY B 305 20.38 -10.78 1.09
N GLN B 306 21.21 -11.60 1.74
CA GLN B 306 22.65 -11.58 1.47
C GLN B 306 22.97 -12.36 0.20
N ARG B 307 22.01 -13.14 -0.34
CA ARG B 307 22.29 -14.07 -1.46
C ARG B 307 21.23 -13.99 -2.56
N LEU B 308 20.63 -12.82 -2.77
CA LEU B 308 19.58 -12.65 -3.80
C LEU B 308 20.20 -12.80 -5.18
N PRO B 309 19.48 -13.39 -6.16
CA PRO B 309 20.00 -13.46 -7.52
C PRO B 309 20.19 -12.03 -8.04
N ALA B 310 21.22 -11.84 -8.87
CA ALA B 310 21.35 -10.60 -9.61
C ALA B 310 20.14 -10.49 -10.55
N GLY B 311 19.67 -9.26 -10.77
CA GLY B 311 18.44 -9.02 -11.54
C GLY B 311 17.22 -8.83 -10.66
N THR B 312 17.35 -8.96 -9.33
CA THR B 312 16.27 -8.63 -8.41
C THR B 312 15.98 -7.13 -8.53
N LEU B 313 14.71 -6.73 -8.35
CA LEU B 313 14.38 -5.31 -8.24
C LEU B 313 15.26 -4.71 -7.14
N PRO B 314 15.94 -3.57 -7.39
CA PRO B 314 16.74 -2.92 -6.36
C PRO B 314 15.92 -2.59 -5.10
N TYR B 315 16.60 -2.58 -3.94
CA TYR B 315 16.00 -2.13 -2.69
C TYR B 315 15.74 -0.62 -2.79
N HIS B 316 14.77 -0.16 -2.00
CA HIS B 316 14.39 1.25 -1.97
C HIS B 316 15.49 2.03 -1.22
N ARG B 317 15.71 3.26 -1.71
CA ARG B 317 16.77 4.10 -1.22
C ARG B 317 16.15 5.32 -0.54
N THR B 318 16.28 5.33 0.79
CA THR B 318 15.81 6.37 1.66
C THR B 318 16.96 6.77 2.59
N ARG B 319 17.18 8.08 2.69
CA ARG B 319 18.16 8.67 3.61
C ARG B 319 17.47 8.86 4.98
N THR B 320 17.81 8.00 5.94
CA THR B 320 17.23 8.03 7.29
C THR B 320 17.34 9.45 7.85
N ILE B 321 16.29 9.91 8.55
N ILE B 321 16.28 9.92 8.53
CA ILE B 321 16.27 11.22 9.22
CA ILE B 321 16.26 11.20 9.23
C ILE B 321 15.96 10.98 10.70
C ILE B 321 16.03 10.93 10.72
N PHE B 322 16.48 11.86 11.56
CA PHE B 322 16.44 11.70 13.02
C PHE B 322 15.89 12.95 13.70
N TYR B 323 15.38 12.74 14.92
CA TYR B 323 15.16 13.80 15.92
C TYR B 323 16.48 14.07 16.67
N LEU B 324 16.87 15.34 16.77
CA LEU B 324 18.17 15.73 17.37
C LEU B 324 18.09 15.56 18.89
N9 56B C . -21.58 3.53 -13.47
C2' 56B C . -22.16 4.66 -11.18
O2' 56B C . -20.96 5.13 -10.58
P 56B C . -27.47 3.82 -13.01
C1' 56B C . -21.92 3.43 -12.04
N10 56B C . -20.48 4.77 -17.84
O11 56B C . -22.40 4.77 -20.96
C8 56B C . -21.87 4.50 -14.35
N3 56B C . -20.61 1.29 -13.56
O12 56B C . -20.89 2.87 -22.13
C7 56B C . -21.46 4.11 -15.62
N2 56B C . -19.62 -0.80 -13.86
O6 56B C . -19.58 2.28 -17.46
C9 56B C . -21.58 4.94 -16.89
N1 56B C . -19.86 0.61 -15.73
O4' 56B C . -23.22 2.79 -12.11
C10 56B C . -20.74 5.17 -19.26
O5' 56B C . -26.05 3.32 -12.45
C11 56B C . -21.51 4.12 -20.05
OP2 56B C . -28.51 3.87 -11.93
C12 56B C . -20.46 3.30 -20.83
C13 56B C . -19.32 4.27 -20.91
OP1 56B C . -27.32 5.19 -13.62
C14 56B C . -19.47 5.28 -20.05
O3' 56B C . -22.53 3.18 -9.26
C5 56B C . -20.86 2.78 -15.41
C4 56B C . -21.02 2.47 -14.07
C2 56B C . -20.04 0.37 -14.40
C6 56B C . -20.39 1.80 -16.39
C4' 56B C . -24.08 3.25 -11.06
C5' 56B C . -25.25 4.10 -11.58
C3' 56B C . -23.16 4.08 -10.19
OP3 56B C . -27.87 2.80 -14.05
C1 PEG D . 32.24 -12.63 31.54
O1 PEG D . 31.67 -13.40 30.47
C2 PEG D . 33.64 -12.12 31.20
O2 PEG D . 34.18 -11.35 32.28
C3 PEG D . 35.19 -10.38 31.97
C4 PEG D . 35.29 -9.37 33.12
O4 PEG D . 36.22 -8.31 32.85
N9 56B E . 19.91 -4.70 9.12
C2' 56B E . 20.55 -2.29 8.37
O2' 56B E . 20.19 -1.35 9.38
P 56B E . 22.75 -5.07 3.89
C1' 56B E . 19.63 -3.47 8.38
N10 56B E . 21.66 -7.98 11.89
O11 56B E . 23.34 -11.18 11.13
C8 56B E . 21.12 -5.19 9.49
N3 56B E . 17.57 -5.47 9.17
O12 56B E . 21.38 -12.69 12.15
C7 56B E . 20.93 -6.43 10.06
N2 56B E . 15.45 -6.47 9.36
O6 56B E . 19.06 -8.67 11.37
C9 56B E . 22.01 -7.33 10.62
N1 56B E . 17.25 -7.61 10.19
O4' 56B E . 19.77 -4.00 7.03
C10 56B E . 22.48 -9.19 12.19
O5' 56B E . 21.51 -4.51 4.76
C11 56B E . 22.14 -10.46 11.39
OP2 56B E . 22.40 -6.48 3.47
C12 56B E . 21.20 -11.28 12.27
C13 56B E . 21.54 -10.78 13.64
OP1 56B E . 22.91 -4.18 2.67
C14 56B E . 22.23 -9.63 13.60
O3' 56B E . 19.02 -1.19 6.84
C5 56B E . 19.46 -6.64 10.03
C4 56B E . 18.92 -5.55 9.38
C2 56B E . 16.77 -6.51 9.55
C6 56B E . 18.69 -7.83 10.33
C4' 56B E . 20.27 -3.01 6.11
C5' 56B E . 21.65 -3.34 5.55
C3' 56B E . 20.32 -1.77 6.96
OP3 56B E . 24.01 -5.00 4.73
#